data_9D9V
# 
_entry.id   9D9V 
# 
_audit_conform.dict_name       mmcif_pdbx.dic 
_audit_conform.dict_version    5.404 
_audit_conform.dict_location   http://mmcif.pdb.org/dictionaries/ascii/mmcif_pdbx.dic 
# 
loop_
_database_2.database_id 
_database_2.database_code 
_database_2.pdbx_database_accession 
_database_2.pdbx_DOI 
PDB   9D9V         pdb_00009d9v 10.2210/pdb9d9v/pdb 
WWPDB D_1000287263 ?            ?                   
# 
loop_
_pdbx_audit_revision_history.ordinal 
_pdbx_audit_revision_history.data_content_type 
_pdbx_audit_revision_history.major_revision 
_pdbx_audit_revision_history.minor_revision 
_pdbx_audit_revision_history.revision_date 
_pdbx_audit_revision_history.part_number 
1 'Structure model' 1 0 2025-04-09 ? 
2 'Structure model' 1 1 2025-08-27 ? 
# 
_pdbx_audit_revision_details.ordinal             1 
_pdbx_audit_revision_details.revision_ordinal    1 
_pdbx_audit_revision_details.data_content_type   'Structure model' 
_pdbx_audit_revision_details.provider            repository 
_pdbx_audit_revision_details.type                'Initial release' 
_pdbx_audit_revision_details.description         ? 
_pdbx_audit_revision_details.details             ? 
# 
_pdbx_audit_revision_group.ordinal             1 
_pdbx_audit_revision_group.revision_ordinal    2 
_pdbx_audit_revision_group.data_content_type   'Structure model' 
_pdbx_audit_revision_group.group               'Database references' 
# 
loop_
_pdbx_audit_revision_category.ordinal 
_pdbx_audit_revision_category.revision_ordinal 
_pdbx_audit_revision_category.data_content_type 
_pdbx_audit_revision_category.category 
1 2 'Structure model' citation        
2 2 'Structure model' citation_author 
# 
loop_
_pdbx_audit_revision_item.ordinal 
_pdbx_audit_revision_item.revision_ordinal 
_pdbx_audit_revision_item.data_content_type 
_pdbx_audit_revision_item.item 
1  2 'Structure model' '_citation.country'                 
2  2 'Structure model' '_citation.journal_abbrev'          
3  2 'Structure model' '_citation.journal_id_CSD'          
4  2 'Structure model' '_citation.journal_id_ISSN'         
5  2 'Structure model' '_citation.journal_volume'          
6  2 'Structure model' '_citation.page_first'              
7  2 'Structure model' '_citation.page_last'               
8  2 'Structure model' '_citation.pdbx_database_id_DOI'    
9  2 'Structure model' '_citation.pdbx_database_id_PubMed' 
10 2 'Structure model' '_citation.title'                   
11 2 'Structure model' '_citation.year'                    
# 
_pdbx_database_status.status_code                     REL 
_pdbx_database_status.status_code_sf                  REL 
_pdbx_database_status.status_code_mr                  ? 
_pdbx_database_status.entry_id                        9D9V 
_pdbx_database_status.recvd_initial_deposition_date   2024-08-21 
_pdbx_database_status.SG_entry                        N 
_pdbx_database_status.deposit_site                    RCSB 
_pdbx_database_status.process_site                    RCSB 
_pdbx_database_status.status_code_cs                  ? 
_pdbx_database_status.status_code_nmr_data            ? 
_pdbx_database_status.methods_development_category    ? 
_pdbx_database_status.pdb_format_compatible           Y 
# 
_pdbx_contact_author.id                 2 
_pdbx_contact_author.email              kovallra@uc.edu 
_pdbx_contact_author.name_first         Rhett 
_pdbx_contact_author.name_last          Kovall 
_pdbx_contact_author.name_mi            A 
_pdbx_contact_author.role               'principal investigator/group leader' 
_pdbx_contact_author.identifier_ORCID   0000-0003-0520-1613 
# 
loop_
_audit_author.name 
_audit_author.pdbx_ordinal 
_audit_author.identifier_ORCID 
'Yuan, Z.'     1 0000-0002-2295-4505 
'Kovall, R.A.' 2 0000-0003-0520-1613 
# 
_citation.abstract                  ? 
_citation.abstract_id_CAS           ? 
_citation.book_id_ISBN              ? 
_citation.book_publisher            ? 
_citation.book_publisher_city       ? 
_citation.book_title                ? 
_citation.coordinate_linkage        ? 
_citation.country                   UK 
_citation.database_id_Medline       ? 
_citation.details                   ? 
_citation.id                        primary 
_citation.journal_abbrev            'Nat Commun' 
_citation.journal_id_ASTM           ? 
_citation.journal_id_CSD            ? 
_citation.journal_id_ISSN           2041-1723 
_citation.journal_full              ? 
_citation.journal_issue             ? 
_citation.journal_volume            16 
_citation.language                  ? 
_citation.page_first                4800 
_citation.page_last                 4800 
_citation.title                     'The ALX4 dimer structure provides insight into how disease alleles impact function.' 
_citation.year                      2025 
_citation.database_id_CSD           ? 
_citation.pdbx_database_id_DOI      10.1038/s41467-025-59728-9 
_citation.pdbx_database_id_PubMed   40410151 
_citation.pdbx_database_id_patent   ? 
_citation.unpublished_flag          ? 
# 
loop_
_citation_author.citation_id 
_citation_author.name 
_citation_author.ordinal 
_citation_author.identifier_ORCID 
primary 'Cain, B.'     1 0009-0006-1767-3019 
primary 'Yuan, Z.'     2 ?                   
primary 'Thoman, E.'   3 ?                   
primary 'Kovall, R.A.' 4 0000-0003-0520-1613 
primary 'Gebelein, B.' 5 0000-0001-9791-9061 
# 
loop_
_entity.id 
_entity.type 
_entity.src_method 
_entity.pdbx_description 
_entity.formula_weight 
_entity.pdbx_number_of_molecules 
_entity.pdbx_ec 
_entity.pdbx_mutation 
_entity.pdbx_fragment 
_entity.details 
1 polymer     man 'Homeobox protein aristaless-like 4' 9689.976 1 ? ? ? ? 
2 non-polymer syn 1,2-ETHANEDIOL                       62.068   6 ? ? ? ? 
3 water       nat water                                18.015   1 ? ? ? ? 
# 
_entity_poly.entity_id                      1 
_entity_poly.type                           'polypeptide(L)' 
_entity_poly.nstd_linkage                   no 
_entity_poly.nstd_monomer                   no 
_entity_poly.pdbx_seq_one_letter_code       GPAAASNKGKKRRNRTTFTSYQLEELEKVFQKTHYPDVYAREQLAMRTDLTEARVQVWFQNRRAKWRKRERWSHPQFEK 
_entity_poly.pdbx_seq_one_letter_code_can   GPAAASNKGKKRRNRTTFTSYQLEELEKVFQKTHYPDVYAREQLAMRTDLTEARVQVWFQNRRAKWRKRERWSHPQFEK 
_entity_poly.pdbx_strand_id                 A 
_entity_poly.pdbx_target_identifier         ? 
# 
loop_
_pdbx_entity_nonpoly.entity_id 
_pdbx_entity_nonpoly.name 
_pdbx_entity_nonpoly.comp_id 
2 1,2-ETHANEDIOL EDO 
3 water          HOH 
# 
loop_
_entity_poly_seq.entity_id 
_entity_poly_seq.num 
_entity_poly_seq.mon_id 
_entity_poly_seq.hetero 
1 1  GLY n 
1 2  PRO n 
1 3  ALA n 
1 4  ALA n 
1 5  ALA n 
1 6  SER n 
1 7  ASN n 
1 8  LYS n 
1 9  GLY n 
1 10 LYS n 
1 11 LYS n 
1 12 ARG n 
1 13 ARG n 
1 14 ASN n 
1 15 ARG n 
1 16 THR n 
1 17 THR n 
1 18 PHE n 
1 19 THR n 
1 20 SER n 
1 21 TYR n 
1 22 GLN n 
1 23 LEU n 
1 24 GLU n 
1 25 GLU n 
1 26 LEU n 
1 27 GLU n 
1 28 LYS n 
1 29 VAL n 
1 30 PHE n 
1 31 GLN n 
1 32 LYS n 
1 33 THR n 
1 34 HIS n 
1 35 TYR n 
1 36 PRO n 
1 37 ASP n 
1 38 VAL n 
1 39 TYR n 
1 40 ALA n 
1 41 ARG n 
1 42 GLU n 
1 43 GLN n 
1 44 LEU n 
1 45 ALA n 
1 46 MET n 
1 47 ARG n 
1 48 THR n 
1 49 ASP n 
1 50 LEU n 
1 51 THR n 
1 52 GLU n 
1 53 ALA n 
1 54 ARG n 
1 55 VAL n 
1 56 GLN n 
1 57 VAL n 
1 58 TRP n 
1 59 PHE n 
1 60 GLN n 
1 61 ASN n 
1 62 ARG n 
1 63 ARG n 
1 64 ALA n 
1 65 LYS n 
1 66 TRP n 
1 67 ARG n 
1 68 LYS n 
1 69 ARG n 
1 70 GLU n 
1 71 ARG n 
1 72 TRP n 
1 73 SER n 
1 74 HIS n 
1 75 PRO n 
1 76 GLN n 
1 77 PHE n 
1 78 GLU n 
1 79 LYS n 
# 
_entity_src_gen.entity_id                          1 
_entity_src_gen.pdbx_src_id                        1 
_entity_src_gen.pdbx_alt_source_flag               sample 
_entity_src_gen.pdbx_seq_type                      'Biological sequence' 
_entity_src_gen.pdbx_beg_seq_num                   1 
_entity_src_gen.pdbx_end_seq_num                   79 
_entity_src_gen.gene_src_common_name               human 
_entity_src_gen.gene_src_genus                     ? 
_entity_src_gen.pdbx_gene_src_gene                 'ALX4, KIAA1788' 
_entity_src_gen.gene_src_species                   ? 
_entity_src_gen.gene_src_strain                    ? 
_entity_src_gen.gene_src_tissue                    ? 
_entity_src_gen.gene_src_tissue_fraction           ? 
_entity_src_gen.gene_src_details                   ? 
_entity_src_gen.pdbx_gene_src_fragment             ? 
_entity_src_gen.pdbx_gene_src_scientific_name      'Homo sapiens' 
_entity_src_gen.pdbx_gene_src_ncbi_taxonomy_id     9606 
_entity_src_gen.pdbx_gene_src_variant              ? 
_entity_src_gen.pdbx_gene_src_cell_line            ? 
_entity_src_gen.pdbx_gene_src_atcc                 ? 
_entity_src_gen.pdbx_gene_src_organ                ? 
_entity_src_gen.pdbx_gene_src_organelle            ? 
_entity_src_gen.pdbx_gene_src_cell                 ? 
_entity_src_gen.pdbx_gene_src_cellular_location    ? 
_entity_src_gen.host_org_common_name               ? 
_entity_src_gen.pdbx_host_org_scientific_name      'Escherichia coli' 
_entity_src_gen.pdbx_host_org_ncbi_taxonomy_id     562 
_entity_src_gen.host_org_genus                     ? 
_entity_src_gen.pdbx_host_org_gene                 ? 
_entity_src_gen.pdbx_host_org_organ                ? 
_entity_src_gen.host_org_species                   ? 
_entity_src_gen.pdbx_host_org_tissue               ? 
_entity_src_gen.pdbx_host_org_tissue_fraction      ? 
_entity_src_gen.pdbx_host_org_strain               ? 
_entity_src_gen.pdbx_host_org_variant              ? 
_entity_src_gen.pdbx_host_org_cell_line            ? 
_entity_src_gen.pdbx_host_org_atcc                 ? 
_entity_src_gen.pdbx_host_org_culture_collection   ? 
_entity_src_gen.pdbx_host_org_cell                 ? 
_entity_src_gen.pdbx_host_org_organelle            ? 
_entity_src_gen.pdbx_host_org_cellular_location    ? 
_entity_src_gen.pdbx_host_org_vector_type          ? 
_entity_src_gen.pdbx_host_org_vector               ? 
_entity_src_gen.host_org_details                   ? 
_entity_src_gen.expression_system_id               ? 
_entity_src_gen.plasmid_name                       ? 
_entity_src_gen.plasmid_details                    ? 
_entity_src_gen.pdbx_description                   ? 
# 
loop_
_chem_comp.id 
_chem_comp.type 
_chem_comp.mon_nstd_flag 
_chem_comp.name 
_chem_comp.pdbx_synonyms 
_chem_comp.formula 
_chem_comp.formula_weight 
ALA 'L-peptide linking' y ALANINE         ?                 'C3 H7 N O2'     89.093  
ARG 'L-peptide linking' y ARGININE        ?                 'C6 H15 N4 O2 1' 175.209 
ASN 'L-peptide linking' y ASPARAGINE      ?                 'C4 H8 N2 O3'    132.118 
ASP 'L-peptide linking' y 'ASPARTIC ACID' ?                 'C4 H7 N O4'     133.103 
EDO non-polymer         . 1,2-ETHANEDIOL  'ETHYLENE GLYCOL' 'C2 H6 O2'       62.068  
GLN 'L-peptide linking' y GLUTAMINE       ?                 'C5 H10 N2 O3'   146.144 
GLU 'L-peptide linking' y 'GLUTAMIC ACID' ?                 'C5 H9 N O4'     147.129 
GLY 'peptide linking'   y GLYCINE         ?                 'C2 H5 N O2'     75.067  
HIS 'L-peptide linking' y HISTIDINE       ?                 'C6 H10 N3 O2 1' 156.162 
HOH non-polymer         . WATER           ?                 'H2 O'           18.015  
LEU 'L-peptide linking' y LEUCINE         ?                 'C6 H13 N O2'    131.173 
LYS 'L-peptide linking' y LYSINE          ?                 'C6 H15 N2 O2 1' 147.195 
MET 'L-peptide linking' y METHIONINE      ?                 'C5 H11 N O2 S'  149.211 
PHE 'L-peptide linking' y PHENYLALANINE   ?                 'C9 H11 N O2'    165.189 
PRO 'L-peptide linking' y PROLINE         ?                 'C5 H9 N O2'     115.130 
SER 'L-peptide linking' y SERINE          ?                 'C3 H7 N O3'     105.093 
THR 'L-peptide linking' y THREONINE       ?                 'C4 H9 N O3'     119.119 
TRP 'L-peptide linking' y TRYPTOPHAN      ?                 'C11 H12 N2 O2'  204.225 
TYR 'L-peptide linking' y TYROSINE        ?                 'C9 H11 N O3'    181.189 
VAL 'L-peptide linking' y VALINE          ?                 'C5 H11 N O2'    117.146 
# 
loop_
_pdbx_poly_seq_scheme.asym_id 
_pdbx_poly_seq_scheme.entity_id 
_pdbx_poly_seq_scheme.seq_id 
_pdbx_poly_seq_scheme.mon_id 
_pdbx_poly_seq_scheme.ndb_seq_num 
_pdbx_poly_seq_scheme.pdb_seq_num 
_pdbx_poly_seq_scheme.auth_seq_num 
_pdbx_poly_seq_scheme.pdb_mon_id 
_pdbx_poly_seq_scheme.auth_mon_id 
_pdbx_poly_seq_scheme.pdb_strand_id 
_pdbx_poly_seq_scheme.pdb_ins_code 
_pdbx_poly_seq_scheme.hetero 
A 1 1  GLY 1  204 ?   ?   ?   A . n 
A 1 2  PRO 2  205 ?   ?   ?   A . n 
A 1 3  ALA 3  206 ?   ?   ?   A . n 
A 1 4  ALA 4  207 ?   ?   ?   A . n 
A 1 5  ALA 5  208 ?   ?   ?   A . n 
A 1 6  SER 6  209 ?   ?   ?   A . n 
A 1 7  ASN 7  210 ?   ?   ?   A . n 
A 1 8  LYS 8  211 ?   ?   ?   A . n 
A 1 9  GLY 9  212 ?   ?   ?   A . n 
A 1 10 LYS 10 213 ?   ?   ?   A . n 
A 1 11 LYS 11 214 ?   ?   ?   A . n 
A 1 12 ARG 12 215 ?   ?   ?   A . n 
A 1 13 ARG 13 216 ?   ?   ?   A . n 
A 1 14 ASN 14 217 ?   ?   ?   A . n 
A 1 15 ARG 15 218 218 ARG ARG A . n 
A 1 16 THR 16 219 219 THR THR A . n 
A 1 17 THR 17 220 220 THR THR A . n 
A 1 18 PHE 18 221 221 PHE PHE A . n 
A 1 19 THR 19 222 222 THR THR A . n 
A 1 20 SER 20 223 223 SER SER A . n 
A 1 21 TYR 21 224 224 TYR TYR A . n 
A 1 22 GLN 22 225 225 GLN GLN A . n 
A 1 23 LEU 23 226 226 LEU LEU A . n 
A 1 24 GLU 24 227 227 GLU GLU A . n 
A 1 25 GLU 25 228 228 GLU GLU A . n 
A 1 26 LEU 26 229 229 LEU LEU A . n 
A 1 27 GLU 27 230 230 GLU GLU A . n 
A 1 28 LYS 28 231 231 LYS LYS A . n 
A 1 29 VAL 29 232 232 VAL VAL A . n 
A 1 30 PHE 30 233 233 PHE PHE A . n 
A 1 31 GLN 31 234 234 GLN GLN A . n 
A 1 32 LYS 32 235 235 LYS LYS A . n 
A 1 33 THR 33 236 236 THR THR A . n 
A 1 34 HIS 34 237 237 HIS HIS A . n 
A 1 35 TYR 35 238 238 TYR TYR A . n 
A 1 36 PRO 36 239 239 PRO PRO A . n 
A 1 37 ASP 37 240 240 ASP ASP A . n 
A 1 38 VAL 38 241 241 VAL VAL A . n 
A 1 39 TYR 39 242 242 TYR TYR A . n 
A 1 40 ALA 40 243 243 ALA ALA A . n 
A 1 41 ARG 41 244 244 ARG ARG A . n 
A 1 42 GLU 42 245 245 GLU GLU A . n 
A 1 43 GLN 43 246 246 GLN GLN A . n 
A 1 44 LEU 44 247 247 LEU LEU A . n 
A 1 45 ALA 45 248 248 ALA ALA A . n 
A 1 46 MET 46 249 249 MET MET A . n 
A 1 47 ARG 47 250 250 ARG ARG A . n 
A 1 48 THR 48 251 251 THR THR A . n 
A 1 49 ASP 49 252 252 ASP ASP A . n 
A 1 50 LEU 50 253 253 LEU LEU A . n 
A 1 51 THR 51 254 254 THR THR A . n 
A 1 52 GLU 52 255 255 GLU GLU A . n 
A 1 53 ALA 53 256 256 ALA ALA A . n 
A 1 54 ARG 54 257 257 ARG ARG A . n 
A 1 55 VAL 55 258 258 VAL VAL A . n 
A 1 56 GLN 56 259 259 GLN GLN A . n 
A 1 57 VAL 57 260 260 VAL VAL A . n 
A 1 58 TRP 58 261 261 TRP TRP A . n 
A 1 59 PHE 59 262 262 PHE PHE A . n 
A 1 60 GLN 60 263 263 GLN GLN A . n 
A 1 61 ASN 61 264 264 ASN ASN A . n 
A 1 62 ARG 62 265 265 ARG ARG A . n 
A 1 63 ARG 63 266 266 ARG ARG A . n 
A 1 64 ALA 64 267 267 ALA ALA A . n 
A 1 65 LYS 65 268 268 LYS LYS A . n 
A 1 66 TRP 66 269 269 TRP TRP A . n 
A 1 67 ARG 67 270 270 ARG ARG A . n 
A 1 68 LYS 68 271 271 LYS LYS A . n 
A 1 69 ARG 69 272 272 ARG ARG A . n 
A 1 70 GLU 70 273 273 GLU GLU A . n 
A 1 71 ARG 71 274 274 ARG ARG A . n 
A 1 72 TRP 72 275 275 TRP TRP A . n 
A 1 73 SER 73 276 276 SER SER A . n 
A 1 74 HIS 74 277 277 HIS HIS A . n 
A 1 75 PRO 75 278 278 PRO PRO A . n 
A 1 76 GLN 76 279 279 GLN GLN A . n 
A 1 77 PHE 77 280 280 PHE PHE A . n 
A 1 78 GLU 78 281 ?   ?   ?   A . n 
A 1 79 LYS 79 282 ?   ?   ?   A . n 
# 
loop_
_pdbx_nonpoly_scheme.asym_id 
_pdbx_nonpoly_scheme.entity_id 
_pdbx_nonpoly_scheme.mon_id 
_pdbx_nonpoly_scheme.ndb_seq_num 
_pdbx_nonpoly_scheme.pdb_seq_num 
_pdbx_nonpoly_scheme.auth_seq_num 
_pdbx_nonpoly_scheme.pdb_mon_id 
_pdbx_nonpoly_scheme.auth_mon_id 
_pdbx_nonpoly_scheme.pdb_strand_id 
_pdbx_nonpoly_scheme.pdb_ins_code 
B 2 EDO 1 301 1 EDO EDO A . 
C 2 EDO 1 302 2 EDO EDO A . 
D 2 EDO 1 303 3 EDO EDO A . 
E 2 EDO 1 304 4 EDO EDO A . 
F 2 EDO 1 305 5 EDO EDO A . 
G 2 EDO 1 306 6 EDO EDO A . 
H 3 HOH 1 401 1 HOH HOH A . 
# 
loop_
_pdbx_unobs_or_zero_occ_atoms.id 
_pdbx_unobs_or_zero_occ_atoms.PDB_model_num 
_pdbx_unobs_or_zero_occ_atoms.polymer_flag 
_pdbx_unobs_or_zero_occ_atoms.occupancy_flag 
_pdbx_unobs_or_zero_occ_atoms.auth_asym_id 
_pdbx_unobs_or_zero_occ_atoms.auth_comp_id 
_pdbx_unobs_or_zero_occ_atoms.auth_seq_id 
_pdbx_unobs_or_zero_occ_atoms.PDB_ins_code 
_pdbx_unobs_or_zero_occ_atoms.auth_atom_id 
_pdbx_unobs_or_zero_occ_atoms.label_alt_id 
_pdbx_unobs_or_zero_occ_atoms.label_asym_id 
_pdbx_unobs_or_zero_occ_atoms.label_comp_id 
_pdbx_unobs_or_zero_occ_atoms.label_seq_id 
_pdbx_unobs_or_zero_occ_atoms.label_atom_id 
1  1 Y 1 A ARG 218 ? CG  ? A ARG 15 CG  
2  1 Y 1 A ARG 218 ? CD  ? A ARG 15 CD  
3  1 Y 1 A ARG 218 ? NE  ? A ARG 15 NE  
4  1 Y 1 A ARG 218 ? CZ  ? A ARG 15 CZ  
5  1 Y 1 A ARG 218 ? NH1 ? A ARG 15 NH1 
6  1 Y 1 A ARG 218 ? NH2 ? A ARG 15 NH2 
7  1 Y 1 A PHE 280 ? CG  ? A PHE 77 CG  
8  1 Y 1 A PHE 280 ? CD1 ? A PHE 77 CD1 
9  1 Y 1 A PHE 280 ? CD2 ? A PHE 77 CD2 
10 1 Y 1 A PHE 280 ? CE1 ? A PHE 77 CE1 
11 1 Y 1 A PHE 280 ? CE2 ? A PHE 77 CE2 
12 1 Y 1 A PHE 280 ? CZ  ? A PHE 77 CZ  
# 
loop_
_software.citation_id 
_software.classification 
_software.compiler_name 
_software.compiler_version 
_software.contact_author 
_software.contact_author_email 
_software.date 
_software.description 
_software.dependencies 
_software.hardware 
_software.language 
_software.location 
_software.mods 
_software.name 
_software.os 
_software.os_version 
_software.type 
_software.version 
_software.pdbx_ordinal 
? refinement       ? ? ? ? ? ? ? ? ? ? ? PHENIX    ? ? ? '(dev_4788: ???)' 1 
? 'data scaling'   ? ? ? ? ? ? ? ? ? ? ? pointless ? ? ? .                 2 
? 'data reduction' ? ? ? ? ? ? ? ? ? ? ? MOSFLM    ? ? ? .                 3 
? phasing          ? ? ? ? ? ? ? ? ? ? ? PHENIX    ? ? ? .                 4 
# 
_cell.angle_alpha                  90.00 
_cell.angle_alpha_esd              ? 
_cell.angle_beta                   90.00 
_cell.angle_beta_esd               ? 
_cell.angle_gamma                  90.00 
_cell.angle_gamma_esd              ? 
_cell.entry_id                     9D9V 
_cell.details                      ? 
_cell.formula_units_Z              ? 
_cell.length_a                     95.780 
_cell.length_a_esd                 ? 
_cell.length_b                     95.780 
_cell.length_b_esd                 ? 
_cell.length_c                     95.780 
_cell.length_c_esd                 ? 
_cell.volume                       ? 
_cell.volume_esd                   ? 
_cell.Z_PDB                        24 
_cell.reciprocal_angle_alpha       ? 
_cell.reciprocal_angle_beta        ? 
_cell.reciprocal_angle_gamma       ? 
_cell.reciprocal_angle_alpha_esd   ? 
_cell.reciprocal_angle_beta_esd    ? 
_cell.reciprocal_angle_gamma_esd   ? 
_cell.reciprocal_length_a          ? 
_cell.reciprocal_length_b          ? 
_cell.reciprocal_length_c          ? 
_cell.reciprocal_length_a_esd      ? 
_cell.reciprocal_length_b_esd      ? 
_cell.reciprocal_length_c_esd      ? 
_cell.pdbx_unique_axis             ? 
_cell.pdbx_esd_method              ? 
# 
_symmetry.entry_id                         9D9V 
_symmetry.cell_setting                     ? 
_symmetry.Int_Tables_number                199 
_symmetry.space_group_name_Hall            ? 
_symmetry.space_group_name_H-M             'I 21 3' 
_symmetry.pdbx_full_space_group_name_H-M   ? 
# 
_exptl.absorpt_coefficient_mu     ? 
_exptl.absorpt_correction_T_max   ? 
_exptl.absorpt_correction_T_min   ? 
_exptl.absorpt_correction_type    ? 
_exptl.absorpt_process_details    ? 
_exptl.entry_id                   9D9V 
_exptl.crystals_number            1 
_exptl.details                    ? 
_exptl.method                     'X-RAY DIFFRACTION' 
_exptl.method_details             ? 
# 
_exptl_crystal.colour                       ? 
_exptl_crystal.density_diffrn               ? 
_exptl_crystal.density_Matthews             3.78 
_exptl_crystal.density_method               ? 
_exptl_crystal.density_percent_sol          67.45 
_exptl_crystal.description                  ? 
_exptl_crystal.F_000                        ? 
_exptl_crystal.id                           1 
_exptl_crystal.preparation                  ? 
_exptl_crystal.size_max                     ? 
_exptl_crystal.size_mid                     ? 
_exptl_crystal.size_min                     ? 
_exptl_crystal.size_rad                     ? 
_exptl_crystal.colour_lustre                ? 
_exptl_crystal.colour_modifier              ? 
_exptl_crystal.colour_primary               ? 
_exptl_crystal.density_meas                 ? 
_exptl_crystal.density_meas_esd             ? 
_exptl_crystal.density_meas_gt              ? 
_exptl_crystal.density_meas_lt              ? 
_exptl_crystal.density_meas_temp            ? 
_exptl_crystal.density_meas_temp_esd        ? 
_exptl_crystal.density_meas_temp_gt         ? 
_exptl_crystal.density_meas_temp_lt         ? 
_exptl_crystal.pdbx_crystal_image_url       ? 
_exptl_crystal.pdbx_crystal_image_format    ? 
_exptl_crystal.pdbx_mosaicity               ? 
_exptl_crystal.pdbx_mosaicity_esd           ? 
_exptl_crystal.pdbx_mosaic_method           ? 
_exptl_crystal.pdbx_mosaic_block_size       ? 
_exptl_crystal.pdbx_mosaic_block_size_esd   ? 
# 
_exptl_crystal_grow.apparatus       ? 
_exptl_crystal_grow.atmosphere      ? 
_exptl_crystal_grow.crystal_id      1 
_exptl_crystal_grow.details         ? 
_exptl_crystal_grow.method          'VAPOR DIFFUSION' 
_exptl_crystal_grow.method_ref      ? 
_exptl_crystal_grow.pH              ? 
_exptl_crystal_grow.pressure        ? 
_exptl_crystal_grow.pressure_esd    ? 
_exptl_crystal_grow.seeding         ? 
_exptl_crystal_grow.seeding_ref     ? 
_exptl_crystal_grow.temp_details    ? 
_exptl_crystal_grow.temp_esd        ? 
_exptl_crystal_grow.time            ? 
_exptl_crystal_grow.pdbx_details    '0.1M MgCl2, 0.1M KCl, 0.1M PIPES pH=7.0, 20% PEG Smear Medium' 
_exptl_crystal_grow.pdbx_pH_range   ? 
_exptl_crystal_grow.temp            277 
# 
_diffrn.ambient_environment              ? 
_diffrn.ambient_temp                     277 
_diffrn.ambient_temp_details             ? 
_diffrn.ambient_temp_esd                 ? 
_diffrn.crystal_id                       1 
_diffrn.crystal_support                  ? 
_diffrn.crystal_treatment                ? 
_diffrn.details                          ? 
_diffrn.id                               1 
_diffrn.ambient_pressure                 ? 
_diffrn.ambient_pressure_esd             ? 
_diffrn.ambient_pressure_gt              ? 
_diffrn.ambient_pressure_lt              ? 
_diffrn.ambient_temp_gt                  ? 
_diffrn.ambient_temp_lt                  ? 
_diffrn.pdbx_serial_crystal_experiment   N 
# 
_diffrn_detector.details                      ? 
_diffrn_detector.detector                     PIXEL 
_diffrn_detector.diffrn_id                    1 
_diffrn_detector.type                         'DECTRIS EIGER X 9M' 
_diffrn_detector.area_resol_mean              ? 
_diffrn_detector.dtime                        ? 
_diffrn_detector.pdbx_frames_total            ? 
_diffrn_detector.pdbx_collection_time_total   ? 
_diffrn_detector.pdbx_collection_date         2022-12-08 
_diffrn_detector.pdbx_frequency               ? 
_diffrn_detector.id                           ? 
_diffrn_detector.number_of_axes               ? 
# 
_diffrn_radiation.collimation                      ? 
_diffrn_radiation.diffrn_id                        1 
_diffrn_radiation.filter_edge                      ? 
_diffrn_radiation.inhomogeneity                    ? 
_diffrn_radiation.monochromator                    ? 
_diffrn_radiation.polarisn_norm                    ? 
_diffrn_radiation.polarisn_ratio                   ? 
_diffrn_radiation.probe                            ? 
_diffrn_radiation.type                             ? 
_diffrn_radiation.xray_symbol                      ? 
_diffrn_radiation.wavelength_id                    1 
_diffrn_radiation.pdbx_monochromatic_or_laue_m_l   M 
_diffrn_radiation.pdbx_wavelength_list             ? 
_diffrn_radiation.pdbx_wavelength                  ? 
_diffrn_radiation.pdbx_diffrn_protocol             'SINGLE WAVELENGTH' 
_diffrn_radiation.pdbx_analyzer                    ? 
_diffrn_radiation.pdbx_scattering_type             x-ray 
# 
_diffrn_radiation_wavelength.id           1 
_diffrn_radiation_wavelength.wavelength   0.97872 
_diffrn_radiation_wavelength.wt           1.0 
# 
_diffrn_source.current                     ? 
_diffrn_source.details                     ? 
_diffrn_source.diffrn_id                   1 
_diffrn_source.power                       ? 
_diffrn_source.size                        ? 
_diffrn_source.source                      SYNCHROTRON 
_diffrn_source.target                      ? 
_diffrn_source.type                        'APS BEAMLINE 21-ID-F' 
_diffrn_source.voltage                     ? 
_diffrn_source.take-off_angle              ? 
_diffrn_source.pdbx_wavelength_list        0.97872 
_diffrn_source.pdbx_wavelength             ? 
_diffrn_source.pdbx_synchrotron_beamline   21-ID-F 
_diffrn_source.pdbx_synchrotron_site       APS 
# 
_reflns.B_iso_Wilson_estimate                          ? 
_reflns.entry_id                                       9D9V 
_reflns.data_reduction_details                         ? 
_reflns.data_reduction_method                          ? 
_reflns.d_resolution_high                              2.39 
_reflns.d_resolution_low                               67.73 
_reflns.details                                        ? 
_reflns.limit_h_max                                    ? 
_reflns.limit_h_min                                    ? 
_reflns.limit_k_max                                    ? 
_reflns.limit_k_min                                    ? 
_reflns.limit_l_max                                    ? 
_reflns.limit_l_min                                    ? 
_reflns.number_all                                     ? 
_reflns.number_obs                                     5957 
_reflns.observed_criterion                             ? 
_reflns.observed_criterion_F_max                       ? 
_reflns.observed_criterion_F_min                       ? 
_reflns.observed_criterion_I_max                       ? 
_reflns.observed_criterion_I_min                       ? 
_reflns.observed_criterion_sigma_F                     ? 
_reflns.observed_criterion_sigma_I                     ? 
_reflns.percent_possible_obs                           100.0 
_reflns.R_free_details                                 ? 
_reflns.Rmerge_F_all                                   ? 
_reflns.Rmerge_F_obs                                   ? 
_reflns.Friedel_coverage                               ? 
_reflns.number_gt                                      ? 
_reflns.threshold_expression                           ? 
_reflns.pdbx_redundancy                                21.9 
_reflns.pdbx_netI_over_av_sigmaI                       ? 
_reflns.pdbx_netI_over_sigmaI                          14.1 
_reflns.pdbx_res_netI_over_av_sigmaI_2                 ? 
_reflns.pdbx_res_netI_over_sigmaI_2                    ? 
_reflns.pdbx_chi_squared                               0.83 
_reflns.pdbx_scaling_rejects                           ? 
_reflns.pdbx_d_res_high_opt                            ? 
_reflns.pdbx_d_res_low_opt                             ? 
_reflns.pdbx_d_res_opt_method                          ? 
_reflns.phase_calculation_details                      ? 
_reflns.pdbx_Rrim_I_all                                0.122 
_reflns.pdbx_Rpim_I_all                                0.026 
_reflns.pdbx_d_opt                                     ? 
_reflns.pdbx_number_measured_all                       130519 
_reflns.pdbx_diffrn_id                                 1 
_reflns.pdbx_ordinal                                   1 
_reflns.pdbx_CC_half                                   0.999 
_reflns.pdbx_CC_star                                   ? 
_reflns.pdbx_R_split                                   ? 
_reflns.pdbx_Rmerge_I_obs                              0.119 
_reflns.pdbx_Rmerge_I_all                              ? 
_reflns.pdbx_Rsym_value                                ? 
_reflns.pdbx_CC_split_method                           ? 
_reflns.pdbx_aniso_diffraction_limit_axis_1_ortho[1]   ? 
_reflns.pdbx_aniso_diffraction_limit_axis_1_ortho[2]   ? 
_reflns.pdbx_aniso_diffraction_limit_axis_1_ortho[3]   ? 
_reflns.pdbx_aniso_diffraction_limit_axis_2_ortho[1]   ? 
_reflns.pdbx_aniso_diffraction_limit_axis_2_ortho[2]   ? 
_reflns.pdbx_aniso_diffraction_limit_axis_2_ortho[3]   ? 
_reflns.pdbx_aniso_diffraction_limit_axis_3_ortho[1]   ? 
_reflns.pdbx_aniso_diffraction_limit_axis_3_ortho[2]   ? 
_reflns.pdbx_aniso_diffraction_limit_axis_3_ortho[3]   ? 
_reflns.pdbx_aniso_diffraction_limit_1                 ? 
_reflns.pdbx_aniso_diffraction_limit_2                 ? 
_reflns.pdbx_aniso_diffraction_limit_3                 ? 
_reflns.pdbx_aniso_B_tensor_eigenvector_1_ortho[1]     ? 
_reflns.pdbx_aniso_B_tensor_eigenvector_1_ortho[2]     ? 
_reflns.pdbx_aniso_B_tensor_eigenvector_1_ortho[3]     ? 
_reflns.pdbx_aniso_B_tensor_eigenvector_2_ortho[1]     ? 
_reflns.pdbx_aniso_B_tensor_eigenvector_2_ortho[2]     ? 
_reflns.pdbx_aniso_B_tensor_eigenvector_2_ortho[3]     ? 
_reflns.pdbx_aniso_B_tensor_eigenvector_3_ortho[1]     ? 
_reflns.pdbx_aniso_B_tensor_eigenvector_3_ortho[2]     ? 
_reflns.pdbx_aniso_B_tensor_eigenvector_3_ortho[3]     ? 
_reflns.pdbx_aniso_B_tensor_eigenvalue_1               ? 
_reflns.pdbx_aniso_B_tensor_eigenvalue_2               ? 
_reflns.pdbx_aniso_B_tensor_eigenvalue_3               ? 
_reflns.pdbx_orthogonalization_convention              ? 
_reflns.pdbx_percent_possible_ellipsoidal              ? 
_reflns.pdbx_percent_possible_spherical                ? 
_reflns.pdbx_percent_possible_ellipsoidal_anomalous    ? 
_reflns.pdbx_percent_possible_spherical_anomalous      ? 
_reflns.pdbx_redundancy_anomalous                      ? 
_reflns.pdbx_CC_half_anomalous                         ? 
_reflns.pdbx_absDiff_over_sigma_anomalous              ? 
_reflns.pdbx_percent_possible_anomalous                ? 
_reflns.pdbx_observed_signal_threshold                 ? 
_reflns.pdbx_signal_type                               ? 
_reflns.pdbx_signal_details                            ? 
_reflns.pdbx_signal_software_id                        ? 
# 
_reflns_shell.d_res_high                                    2.39 
_reflns_shell.d_res_low                                     2.48 
_reflns_shell.meanI_over_sigI_all                           ? 
_reflns_shell.meanI_over_sigI_obs                           ? 
_reflns_shell.number_measured_all                           12377 
_reflns_shell.number_measured_obs                           ? 
_reflns_shell.number_possible                               ? 
_reflns_shell.number_unique_all                             ? 
_reflns_shell.number_unique_obs                             626 
_reflns_shell.percent_possible_obs                          100.0 
_reflns_shell.Rmerge_F_all                                  ? 
_reflns_shell.Rmerge_F_obs                                  ? 
_reflns_shell.meanI_over_sigI_gt                            ? 
_reflns_shell.meanI_over_uI_all                             ? 
_reflns_shell.meanI_over_uI_gt                              ? 
_reflns_shell.number_measured_gt                            ? 
_reflns_shell.number_unique_gt                              ? 
_reflns_shell.percent_possible_gt                           ? 
_reflns_shell.Rmerge_F_gt                                   ? 
_reflns_shell.Rmerge_I_gt                                   ? 
_reflns_shell.pdbx_redundancy                               19.8 
_reflns_shell.pdbx_chi_squared                              0.75 
_reflns_shell.pdbx_netI_over_sigmaI_all                     ? 
_reflns_shell.pdbx_netI_over_sigmaI_obs                     1.3 
_reflns_shell.pdbx_Rrim_I_all                               2.884 
_reflns_shell.pdbx_Rpim_I_all                               0.646 
_reflns_shell.pdbx_rejects                                  ? 
_reflns_shell.pdbx_ordinal                                  1 
_reflns_shell.pdbx_diffrn_id                                1 
_reflns_shell.pdbx_CC_half                                  0.495 
_reflns_shell.pdbx_CC_star                                  ? 
_reflns_shell.pdbx_R_split                                  ? 
_reflns_shell.percent_possible_all                          ? 
_reflns_shell.Rmerge_I_all                                  ? 
_reflns_shell.Rmerge_I_obs                                  2.810 
_reflns_shell.pdbx_Rsym_value                               ? 
_reflns_shell.pdbx_percent_possible_ellipsoidal             ? 
_reflns_shell.pdbx_percent_possible_spherical               ? 
_reflns_shell.pdbx_percent_possible_ellipsoidal_anomalous   ? 
_reflns_shell.pdbx_percent_possible_spherical_anomalous     ? 
_reflns_shell.pdbx_redundancy_anomalous                     ? 
_reflns_shell.pdbx_CC_half_anomalous                        ? 
_reflns_shell.pdbx_absDiff_over_sigma_anomalous             ? 
_reflns_shell.pdbx_percent_possible_anomalous               ? 
# 
_refine.aniso_B[1][1]                            ? 
_refine.aniso_B[1][2]                            ? 
_refine.aniso_B[1][3]                            ? 
_refine.aniso_B[2][2]                            ? 
_refine.aniso_B[2][3]                            ? 
_refine.aniso_B[3][3]                            ? 
_refine.B_iso_max                                ? 
_refine.B_iso_mean                               ? 
_refine.B_iso_min                                ? 
_refine.correlation_coeff_Fo_to_Fc               ? 
_refine.correlation_coeff_Fo_to_Fc_free          ? 
_refine.details                                  ? 
_refine.diff_density_max                         ? 
_refine.diff_density_max_esd                     ? 
_refine.diff_density_min                         ? 
_refine.diff_density_min_esd                     ? 
_refine.diff_density_rms                         ? 
_refine.diff_density_rms_esd                     ? 
_refine.entry_id                                 9D9V 
_refine.pdbx_refine_id                           'X-RAY DIFFRACTION' 
_refine.ls_abs_structure_details                 ? 
_refine.ls_abs_structure_Flack                   ? 
_refine.ls_abs_structure_Flack_esd               ? 
_refine.ls_abs_structure_Rogers                  ? 
_refine.ls_abs_structure_Rogers_esd              ? 
_refine.ls_d_res_high                            2.39 
_refine.ls_d_res_low                             33.86 
_refine.ls_extinction_coef                       ? 
_refine.ls_extinction_coef_esd                   ? 
_refine.ls_extinction_expression                 ? 
_refine.ls_extinction_method                     ? 
_refine.ls_goodness_of_fit_all                   ? 
_refine.ls_goodness_of_fit_all_esd               ? 
_refine.ls_goodness_of_fit_obs                   ? 
_refine.ls_goodness_of_fit_obs_esd               ? 
_refine.ls_hydrogen_treatment                    ? 
_refine.ls_matrix_type                           ? 
_refine.ls_number_constraints                    ? 
_refine.ls_number_parameters                     ? 
_refine.ls_number_reflns_all                     ? 
_refine.ls_number_reflns_obs                     5952 
_refine.ls_number_reflns_R_free                  596 
_refine.ls_number_reflns_R_work                  ? 
_refine.ls_number_restraints                     ? 
_refine.ls_percent_reflns_obs                    99.97 
_refine.ls_percent_reflns_R_free                 10.01 
_refine.ls_R_factor_all                          ? 
_refine.ls_R_factor_obs                          0.2177 
_refine.ls_R_factor_R_free                       0.2486 
_refine.ls_R_factor_R_free_error                 ? 
_refine.ls_R_factor_R_free_error_details         ? 
_refine.ls_R_factor_R_work                       0.2141 
_refine.ls_R_Fsqd_factor_obs                     ? 
_refine.ls_R_I_factor_obs                        ? 
_refine.ls_redundancy_reflns_all                 ? 
_refine.ls_redundancy_reflns_obs                 ? 
_refine.ls_restrained_S_all                      ? 
_refine.ls_restrained_S_obs                      ? 
_refine.ls_shift_over_esd_max                    ? 
_refine.ls_shift_over_esd_mean                   ? 
_refine.ls_structure_factor_coef                 ? 
_refine.ls_weighting_details                     ? 
_refine.ls_weighting_scheme                      ? 
_refine.ls_wR_factor_all                         ? 
_refine.ls_wR_factor_obs                         ? 
_refine.ls_wR_factor_R_free                      ? 
_refine.ls_wR_factor_R_work                      ? 
_refine.occupancy_max                            ? 
_refine.occupancy_min                            ? 
_refine.solvent_model_details                    'FLAT BULK SOLVENT MODEL' 
_refine.solvent_model_param_bsol                 ? 
_refine.solvent_model_param_ksol                 ? 
_refine.pdbx_R_complete                          ? 
_refine.ls_R_factor_gt                           ? 
_refine.ls_goodness_of_fit_gt                    ? 
_refine.ls_goodness_of_fit_ref                   ? 
_refine.ls_shift_over_su_max                     ? 
_refine.ls_shift_over_su_max_lt                  ? 
_refine.ls_shift_over_su_mean                    ? 
_refine.ls_shift_over_su_mean_lt                 ? 
_refine.pdbx_ls_sigma_I                          ? 
_refine.pdbx_ls_sigma_F                          1.36 
_refine.pdbx_ls_sigma_Fsqd                       ? 
_refine.pdbx_data_cutoff_high_absF               ? 
_refine.pdbx_data_cutoff_high_rms_absF           ? 
_refine.pdbx_data_cutoff_low_absF                ? 
_refine.pdbx_isotropic_thermal_model             ? 
_refine.pdbx_ls_cross_valid_method               'FREE R-VALUE' 
_refine.pdbx_method_to_determine_struct          'MOLECULAR REPLACEMENT' 
_refine.pdbx_starting_model                      ? 
_refine.pdbx_stereochemistry_target_values       ML 
_refine.pdbx_R_Free_selection_details            ? 
_refine.pdbx_stereochem_target_val_spec_case     ? 
_refine.pdbx_overall_ESU_R                       ? 
_refine.pdbx_overall_ESU_R_Free                  ? 
_refine.pdbx_solvent_vdw_probe_radii             1.10 
_refine.pdbx_solvent_ion_probe_radii             ? 
_refine.pdbx_solvent_shrinkage_radii             0.90 
_refine.pdbx_real_space_R                        ? 
_refine.pdbx_density_correlation                 ? 
_refine.pdbx_pd_number_of_powder_patterns        ? 
_refine.pdbx_pd_number_of_points                 ? 
_refine.pdbx_pd_meas_number_of_points            ? 
_refine.pdbx_pd_proc_ls_prof_R_factor            ? 
_refine.pdbx_pd_proc_ls_prof_wR_factor           ? 
_refine.pdbx_pd_Marquardt_correlation_coeff      ? 
_refine.pdbx_pd_Fsqrd_R_factor                   ? 
_refine.pdbx_pd_ls_matrix_band_width             ? 
_refine.pdbx_overall_phase_error                 34.91 
_refine.pdbx_overall_SU_R_free_Cruickshank_DPI   ? 
_refine.pdbx_overall_SU_R_free_Blow_DPI          ? 
_refine.pdbx_overall_SU_R_Blow_DPI               ? 
_refine.pdbx_TLS_residual_ADP_flag               ? 
_refine.pdbx_diffrn_id                           1 
_refine.overall_SU_B                             ? 
_refine.overall_SU_ML                            0.43 
_refine.overall_SU_R_Cruickshank_DPI             ? 
_refine.overall_SU_R_free                        ? 
_refine.overall_FOM_free_R_set                   ? 
_refine.overall_FOM_work_R_set                   ? 
_refine.pdbx_average_fsc_overall                 ? 
_refine.pdbx_average_fsc_work                    ? 
_refine.pdbx_average_fsc_free                    ? 
# 
_refine_hist.pdbx_refine_id                   'X-RAY DIFFRACTION' 
_refine_hist.cycle_id                         LAST 
_refine_hist.details                          ? 
_refine_hist.d_res_high                       2.39 
_refine_hist.d_res_low                        33.86 
_refine_hist.number_atoms_solvent             1 
_refine_hist.number_atoms_total               578 
_refine_hist.number_reflns_all                ? 
_refine_hist.number_reflns_obs                ? 
_refine_hist.number_reflns_R_free             ? 
_refine_hist.number_reflns_R_work             ? 
_refine_hist.R_factor_all                     ? 
_refine_hist.R_factor_obs                     ? 
_refine_hist.R_factor_R_free                  ? 
_refine_hist.R_factor_R_work                  ? 
_refine_hist.pdbx_number_residues_total       ? 
_refine_hist.pdbx_B_iso_mean_ligand           ? 
_refine_hist.pdbx_B_iso_mean_solvent          ? 
_refine_hist.pdbx_number_atoms_protein        553 
_refine_hist.pdbx_number_atoms_nucleic_acid   0 
_refine_hist.pdbx_number_atoms_ligand         24 
_refine_hist.pdbx_number_atoms_lipid          ? 
_refine_hist.pdbx_number_atoms_carb           ? 
_refine_hist.pdbx_pseudo_atom_details         ? 
# 
loop_
_refine_ls_restr.pdbx_refine_id 
_refine_ls_restr.criterion 
_refine_ls_restr.dev_ideal 
_refine_ls_restr.dev_ideal_target 
_refine_ls_restr.number 
_refine_ls_restr.rejects 
_refine_ls_restr.type 
_refine_ls_restr.weight 
_refine_ls_restr.pdbx_restraint_function 
'X-RAY DIFFRACTION' ? 0.008 ? 586 ? f_bond_d           ? ? 
'X-RAY DIFFRACTION' ? 1.016 ? 779 ? f_angle_d          ? ? 
'X-RAY DIFFRACTION' ? 8.936 ? 79  ? f_dihedral_angle_d ? ? 
'X-RAY DIFFRACTION' ? 0.045 ? 77  ? f_chiral_restr     ? ? 
'X-RAY DIFFRACTION' ? 0.014 ? 98  ? f_plane_restr      ? ? 
# 
loop_
_refine_ls_shell.pdbx_refine_id 
_refine_ls_shell.d_res_high 
_refine_ls_shell.d_res_low 
_refine_ls_shell.number_reflns_all 
_refine_ls_shell.number_reflns_obs 
_refine_ls_shell.number_reflns_R_free 
_refine_ls_shell.number_reflns_R_work 
_refine_ls_shell.percent_reflns_obs 
_refine_ls_shell.percent_reflns_R_free 
_refine_ls_shell.R_factor_all 
_refine_ls_shell.R_factor_obs 
_refine_ls_shell.R_factor_R_free_error 
_refine_ls_shell.R_factor_R_work 
_refine_ls_shell.redundancy_reflns_all 
_refine_ls_shell.redundancy_reflns_obs 
_refine_ls_shell.wR_factor_all 
_refine_ls_shell.wR_factor_obs 
_refine_ls_shell.wR_factor_R_free 
_refine_ls_shell.wR_factor_R_work 
_refine_ls_shell.pdbx_R_complete 
_refine_ls_shell.pdbx_total_number_of_bins_used 
_refine_ls_shell.pdbx_phase_error 
_refine_ls_shell.pdbx_fsc_work 
_refine_ls_shell.pdbx_fsc_free 
_refine_ls_shell.R_factor_R_free 
'X-RAY DIFFRACTION' 2.39 2.63  . . 147 1326 100.00 . . . . 0.3460 . . . . . . . . . . . 0.3784 
'X-RAY DIFFRACTION' 2.63 3.01  . . 145 1322 100.00 . . . . 0.2750 . . . . . . . . . . . 0.3713 
'X-RAY DIFFRACTION' 3.01 3.79  . . 148 1337 100.00 . . . . 0.2674 . . . . . . . . . . . 0.2899 
'X-RAY DIFFRACTION' 3.80 33.86 . . 156 1371 100.00 . . . . 0.1656 . . . . . . . . . . . 0.1994 
# 
_struct.entry_id                     9D9V 
_struct.title                        'X-Ray structure of ALX4 homeodomain' 
_struct.pdbx_model_details           ? 
_struct.pdbx_formula_weight          ? 
_struct.pdbx_formula_weight_method   ? 
_struct.pdbx_model_type_details      ? 
_struct.pdbx_CASP_flag               N 
# 
_struct_keywords.entry_id        9D9V 
_struct_keywords.text            'ALX4, paired-like homeodomain, transcription factor, TRANSCRIPTION' 
_struct_keywords.pdbx_keywords   TRANSCRIPTION 
# 
loop_
_struct_asym.id 
_struct_asym.pdbx_blank_PDB_chainid_flag 
_struct_asym.pdbx_modified 
_struct_asym.entity_id 
_struct_asym.details 
A N N 1 ? 
B N N 2 ? 
C N N 2 ? 
D N N 2 ? 
E N N 2 ? 
F N N 2 ? 
G N N 2 ? 
H N N 3 ? 
# 
_struct_ref.id                         1 
_struct_ref.db_name                    UNP 
_struct_ref.db_code                    ALX4_HUMAN 
_struct_ref.pdbx_db_accession          Q9H161 
_struct_ref.pdbx_db_isoform            ? 
_struct_ref.entity_id                  1 
_struct_ref.pdbx_seq_one_letter_code   SNKGKKRRNRTTFTSYQLEELEKVFQKTHYPDVYAREQLAMRTDLTEARVQVWFQNRRAKWRKRER 
_struct_ref.pdbx_align_begin           209 
# 
_struct_ref_seq.align_id                      1 
_struct_ref_seq.ref_id                        1 
_struct_ref_seq.pdbx_PDB_id_code              9D9V 
_struct_ref_seq.pdbx_strand_id                A 
_struct_ref_seq.seq_align_beg                 6 
_struct_ref_seq.pdbx_seq_align_beg_ins_code   ? 
_struct_ref_seq.seq_align_end                 71 
_struct_ref_seq.pdbx_seq_align_end_ins_code   ? 
_struct_ref_seq.pdbx_db_accession             Q9H161 
_struct_ref_seq.db_align_beg                  209 
_struct_ref_seq.pdbx_db_align_beg_ins_code    ? 
_struct_ref_seq.db_align_end                  274 
_struct_ref_seq.pdbx_db_align_end_ins_code    ? 
_struct_ref_seq.pdbx_auth_seq_align_beg       209 
_struct_ref_seq.pdbx_auth_seq_align_end       274 
# 
loop_
_struct_ref_seq_dif.align_id 
_struct_ref_seq_dif.pdbx_pdb_id_code 
_struct_ref_seq_dif.mon_id 
_struct_ref_seq_dif.pdbx_pdb_strand_id 
_struct_ref_seq_dif.seq_num 
_struct_ref_seq_dif.pdbx_pdb_ins_code 
_struct_ref_seq_dif.pdbx_seq_db_name 
_struct_ref_seq_dif.pdbx_seq_db_accession_code 
_struct_ref_seq_dif.db_mon_id 
_struct_ref_seq_dif.pdbx_seq_db_seq_num 
_struct_ref_seq_dif.details 
_struct_ref_seq_dif.pdbx_auth_seq_num 
_struct_ref_seq_dif.pdbx_ordinal 
1 9D9V GLY A 1  ? UNP Q9H161 ? ? 'expression tag' 204 1  
1 9D9V PRO A 2  ? UNP Q9H161 ? ? 'expression tag' 205 2  
1 9D9V ALA A 3  ? UNP Q9H161 ? ? 'expression tag' 206 3  
1 9D9V ALA A 4  ? UNP Q9H161 ? ? 'expression tag' 207 4  
1 9D9V ALA A 5  ? UNP Q9H161 ? ? 'expression tag' 208 5  
1 9D9V TRP A 72 ? UNP Q9H161 ? ? 'expression tag' 275 6  
1 9D9V SER A 73 ? UNP Q9H161 ? ? 'expression tag' 276 7  
1 9D9V HIS A 74 ? UNP Q9H161 ? ? 'expression tag' 277 8  
1 9D9V PRO A 75 ? UNP Q9H161 ? ? 'expression tag' 278 9  
1 9D9V GLN A 76 ? UNP Q9H161 ? ? 'expression tag' 279 10 
1 9D9V PHE A 77 ? UNP Q9H161 ? ? 'expression tag' 280 11 
1 9D9V GLU A 78 ? UNP Q9H161 ? ? 'expression tag' 281 12 
1 9D9V LYS A 79 ? UNP Q9H161 ? ? 'expression tag' 282 13 
# 
_pdbx_struct_assembly.id                   1 
_pdbx_struct_assembly.details              author_and_software_defined_assembly 
_pdbx_struct_assembly.method_details       PISA 
_pdbx_struct_assembly.oligomeric_details   monomeric 
_pdbx_struct_assembly.oligomeric_count     1 
# 
_pdbx_struct_assembly_gen.assembly_id       1 
_pdbx_struct_assembly_gen.oper_expression   1 
_pdbx_struct_assembly_gen.asym_id_list      A,B,C,D,E,F,G,H 
# 
_pdbx_struct_assembly_auth_evidence.id                     1 
_pdbx_struct_assembly_auth_evidence.assembly_id            1 
_pdbx_struct_assembly_auth_evidence.experimental_support   'gel filtration' 
_pdbx_struct_assembly_auth_evidence.details                ? 
# 
_pdbx_struct_oper_list.id                   1 
_pdbx_struct_oper_list.type                 'identity operation' 
_pdbx_struct_oper_list.name                 1_555 
_pdbx_struct_oper_list.symmetry_operation   x,y,z 
_pdbx_struct_oper_list.matrix[1][1]         1.0000000000 
_pdbx_struct_oper_list.matrix[1][2]         0.0000000000 
_pdbx_struct_oper_list.matrix[1][3]         0.0000000000 
_pdbx_struct_oper_list.vector[1]            0.0000000000 
_pdbx_struct_oper_list.matrix[2][1]         0.0000000000 
_pdbx_struct_oper_list.matrix[2][2]         1.0000000000 
_pdbx_struct_oper_list.matrix[2][3]         0.0000000000 
_pdbx_struct_oper_list.vector[2]            0.0000000000 
_pdbx_struct_oper_list.matrix[3][1]         0.0000000000 
_pdbx_struct_oper_list.matrix[3][2]         0.0000000000 
_pdbx_struct_oper_list.matrix[3][3]         1.0000000000 
_pdbx_struct_oper_list.vector[3]            0.0000000000 
# 
loop_
_struct_conf.conf_type_id 
_struct_conf.id 
_struct_conf.pdbx_PDB_helix_id 
_struct_conf.beg_label_comp_id 
_struct_conf.beg_label_asym_id 
_struct_conf.beg_label_seq_id 
_struct_conf.pdbx_beg_PDB_ins_code 
_struct_conf.end_label_comp_id 
_struct_conf.end_label_asym_id 
_struct_conf.end_label_seq_id 
_struct_conf.pdbx_end_PDB_ins_code 
_struct_conf.beg_auth_comp_id 
_struct_conf.beg_auth_asym_id 
_struct_conf.beg_auth_seq_id 
_struct_conf.end_auth_comp_id 
_struct_conf.end_auth_asym_id 
_struct_conf.end_auth_seq_id 
_struct_conf.pdbx_PDB_helix_class 
_struct_conf.details 
_struct_conf.pdbx_PDB_helix_length 
HELX_P HELX_P1 AA1 THR A 19 ? THR A 33 ? THR A 222 THR A 236 1 ? 15 
HELX_P HELX_P2 AA2 ASP A 37 ? ASP A 49 ? ASP A 240 ASP A 252 1 ? 13 
HELX_P HELX_P3 AA3 THR A 51 ? TRP A 72 ? THR A 254 TRP A 275 1 ? 22 
# 
_struct_conf_type.id          HELX_P 
_struct_conf_type.criteria    ? 
_struct_conf_type.reference   ? 
# 
_pdbx_entry_details.entry_id                   9D9V 
_pdbx_entry_details.has_ligand_of_interest     N 
_pdbx_entry_details.compound_details           ? 
_pdbx_entry_details.source_details             ? 
_pdbx_entry_details.nonpolymer_details         ? 
_pdbx_entry_details.sequence_details           ? 
_pdbx_entry_details.has_protein_modification   N 
# 
loop_
_pdbx_unobs_or_zero_occ_residues.id 
_pdbx_unobs_or_zero_occ_residues.PDB_model_num 
_pdbx_unobs_or_zero_occ_residues.polymer_flag 
_pdbx_unobs_or_zero_occ_residues.occupancy_flag 
_pdbx_unobs_or_zero_occ_residues.auth_asym_id 
_pdbx_unobs_or_zero_occ_residues.auth_comp_id 
_pdbx_unobs_or_zero_occ_residues.auth_seq_id 
_pdbx_unobs_or_zero_occ_residues.PDB_ins_code 
_pdbx_unobs_or_zero_occ_residues.label_asym_id 
_pdbx_unobs_or_zero_occ_residues.label_comp_id 
_pdbx_unobs_or_zero_occ_residues.label_seq_id 
1  1 Y 1 A GLY 204 ? A GLY 1  
2  1 Y 1 A PRO 205 ? A PRO 2  
3  1 Y 1 A ALA 206 ? A ALA 3  
4  1 Y 1 A ALA 207 ? A ALA 4  
5  1 Y 1 A ALA 208 ? A ALA 5  
6  1 Y 1 A SER 209 ? A SER 6  
7  1 Y 1 A ASN 210 ? A ASN 7  
8  1 Y 1 A LYS 211 ? A LYS 8  
9  1 Y 1 A GLY 212 ? A GLY 9  
10 1 Y 1 A LYS 213 ? A LYS 10 
11 1 Y 1 A LYS 214 ? A LYS 11 
12 1 Y 1 A ARG 215 ? A ARG 12 
13 1 Y 1 A ARG 216 ? A ARG 13 
14 1 Y 1 A ASN 217 ? A ASN 14 
15 1 Y 1 A GLU 281 ? A GLU 78 
16 1 Y 1 A LYS 282 ? A LYS 79 
# 
loop_
_chem_comp_atom.comp_id 
_chem_comp_atom.atom_id 
_chem_comp_atom.type_symbol 
_chem_comp_atom.pdbx_aromatic_flag 
_chem_comp_atom.pdbx_stereo_config 
_chem_comp_atom.pdbx_ordinal 
ALA N    N N N 1   
ALA CA   C N S 2   
ALA C    C N N 3   
ALA O    O N N 4   
ALA CB   C N N 5   
ALA OXT  O N N 6   
ALA H    H N N 7   
ALA H2   H N N 8   
ALA HA   H N N 9   
ALA HB1  H N N 10  
ALA HB2  H N N 11  
ALA HB3  H N N 12  
ALA HXT  H N N 13  
ARG N    N N N 14  
ARG CA   C N S 15  
ARG C    C N N 16  
ARG O    O N N 17  
ARG CB   C N N 18  
ARG CG   C N N 19  
ARG CD   C N N 20  
ARG NE   N N N 21  
ARG CZ   C N N 22  
ARG NH1  N N N 23  
ARG NH2  N N N 24  
ARG OXT  O N N 25  
ARG H    H N N 26  
ARG H2   H N N 27  
ARG HA   H N N 28  
ARG HB2  H N N 29  
ARG HB3  H N N 30  
ARG HG2  H N N 31  
ARG HG3  H N N 32  
ARG HD2  H N N 33  
ARG HD3  H N N 34  
ARG HE   H N N 35  
ARG HH11 H N N 36  
ARG HH12 H N N 37  
ARG HH21 H N N 38  
ARG HH22 H N N 39  
ARG HXT  H N N 40  
ASN N    N N N 41  
ASN CA   C N S 42  
ASN C    C N N 43  
ASN O    O N N 44  
ASN CB   C N N 45  
ASN CG   C N N 46  
ASN OD1  O N N 47  
ASN ND2  N N N 48  
ASN OXT  O N N 49  
ASN H    H N N 50  
ASN H2   H N N 51  
ASN HA   H N N 52  
ASN HB2  H N N 53  
ASN HB3  H N N 54  
ASN HD21 H N N 55  
ASN HD22 H N N 56  
ASN HXT  H N N 57  
ASP N    N N N 58  
ASP CA   C N S 59  
ASP C    C N N 60  
ASP O    O N N 61  
ASP CB   C N N 62  
ASP CG   C N N 63  
ASP OD1  O N N 64  
ASP OD2  O N N 65  
ASP OXT  O N N 66  
ASP H    H N N 67  
ASP H2   H N N 68  
ASP HA   H N N 69  
ASP HB2  H N N 70  
ASP HB3  H N N 71  
ASP HD2  H N N 72  
ASP HXT  H N N 73  
EDO C1   C N N 74  
EDO O1   O N N 75  
EDO C2   C N N 76  
EDO O2   O N N 77  
EDO H11  H N N 78  
EDO H12  H N N 79  
EDO HO1  H N N 80  
EDO H21  H N N 81  
EDO H22  H N N 82  
EDO HO2  H N N 83  
GLN N    N N N 84  
GLN CA   C N S 85  
GLN C    C N N 86  
GLN O    O N N 87  
GLN CB   C N N 88  
GLN CG   C N N 89  
GLN CD   C N N 90  
GLN OE1  O N N 91  
GLN NE2  N N N 92  
GLN OXT  O N N 93  
GLN H    H N N 94  
GLN H2   H N N 95  
GLN HA   H N N 96  
GLN HB2  H N N 97  
GLN HB3  H N N 98  
GLN HG2  H N N 99  
GLN HG3  H N N 100 
GLN HE21 H N N 101 
GLN HE22 H N N 102 
GLN HXT  H N N 103 
GLU N    N N N 104 
GLU CA   C N S 105 
GLU C    C N N 106 
GLU O    O N N 107 
GLU CB   C N N 108 
GLU CG   C N N 109 
GLU CD   C N N 110 
GLU OE1  O N N 111 
GLU OE2  O N N 112 
GLU OXT  O N N 113 
GLU H    H N N 114 
GLU H2   H N N 115 
GLU HA   H N N 116 
GLU HB2  H N N 117 
GLU HB3  H N N 118 
GLU HG2  H N N 119 
GLU HG3  H N N 120 
GLU HE2  H N N 121 
GLU HXT  H N N 122 
GLY N    N N N 123 
GLY CA   C N N 124 
GLY C    C N N 125 
GLY O    O N N 126 
GLY OXT  O N N 127 
GLY H    H N N 128 
GLY H2   H N N 129 
GLY HA2  H N N 130 
GLY HA3  H N N 131 
GLY HXT  H N N 132 
HIS N    N N N 133 
HIS CA   C N S 134 
HIS C    C N N 135 
HIS O    O N N 136 
HIS CB   C N N 137 
HIS CG   C Y N 138 
HIS ND1  N Y N 139 
HIS CD2  C Y N 140 
HIS CE1  C Y N 141 
HIS NE2  N Y N 142 
HIS OXT  O N N 143 
HIS H    H N N 144 
HIS H2   H N N 145 
HIS HA   H N N 146 
HIS HB2  H N N 147 
HIS HB3  H N N 148 
HIS HD1  H N N 149 
HIS HD2  H N N 150 
HIS HE1  H N N 151 
HIS HE2  H N N 152 
HIS HXT  H N N 153 
HOH O    O N N 154 
HOH H1   H N N 155 
HOH H2   H N N 156 
LEU N    N N N 157 
LEU CA   C N S 158 
LEU C    C N N 159 
LEU O    O N N 160 
LEU CB   C N N 161 
LEU CG   C N N 162 
LEU CD1  C N N 163 
LEU CD2  C N N 164 
LEU OXT  O N N 165 
LEU H    H N N 166 
LEU H2   H N N 167 
LEU HA   H N N 168 
LEU HB2  H N N 169 
LEU HB3  H N N 170 
LEU HG   H N N 171 
LEU HD11 H N N 172 
LEU HD12 H N N 173 
LEU HD13 H N N 174 
LEU HD21 H N N 175 
LEU HD22 H N N 176 
LEU HD23 H N N 177 
LEU HXT  H N N 178 
LYS N    N N N 179 
LYS CA   C N S 180 
LYS C    C N N 181 
LYS O    O N N 182 
LYS CB   C N N 183 
LYS CG   C N N 184 
LYS CD   C N N 185 
LYS CE   C N N 186 
LYS NZ   N N N 187 
LYS OXT  O N N 188 
LYS H    H N N 189 
LYS H2   H N N 190 
LYS HA   H N N 191 
LYS HB2  H N N 192 
LYS HB3  H N N 193 
LYS HG2  H N N 194 
LYS HG3  H N N 195 
LYS HD2  H N N 196 
LYS HD3  H N N 197 
LYS HE2  H N N 198 
LYS HE3  H N N 199 
LYS HZ1  H N N 200 
LYS HZ2  H N N 201 
LYS HZ3  H N N 202 
LYS HXT  H N N 203 
MET N    N N N 204 
MET CA   C N S 205 
MET C    C N N 206 
MET O    O N N 207 
MET CB   C N N 208 
MET CG   C N N 209 
MET SD   S N N 210 
MET CE   C N N 211 
MET OXT  O N N 212 
MET H    H N N 213 
MET H2   H N N 214 
MET HA   H N N 215 
MET HB2  H N N 216 
MET HB3  H N N 217 
MET HG2  H N N 218 
MET HG3  H N N 219 
MET HE1  H N N 220 
MET HE2  H N N 221 
MET HE3  H N N 222 
MET HXT  H N N 223 
PHE N    N N N 224 
PHE CA   C N S 225 
PHE C    C N N 226 
PHE O    O N N 227 
PHE CB   C N N 228 
PHE CG   C Y N 229 
PHE CD1  C Y N 230 
PHE CD2  C Y N 231 
PHE CE1  C Y N 232 
PHE CE2  C Y N 233 
PHE CZ   C Y N 234 
PHE OXT  O N N 235 
PHE H    H N N 236 
PHE H2   H N N 237 
PHE HA   H N N 238 
PHE HB2  H N N 239 
PHE HB3  H N N 240 
PHE HD1  H N N 241 
PHE HD2  H N N 242 
PHE HE1  H N N 243 
PHE HE2  H N N 244 
PHE HZ   H N N 245 
PHE HXT  H N N 246 
PRO N    N N N 247 
PRO CA   C N S 248 
PRO C    C N N 249 
PRO O    O N N 250 
PRO CB   C N N 251 
PRO CG   C N N 252 
PRO CD   C N N 253 
PRO OXT  O N N 254 
PRO H    H N N 255 
PRO HA   H N N 256 
PRO HB2  H N N 257 
PRO HB3  H N N 258 
PRO HG2  H N N 259 
PRO HG3  H N N 260 
PRO HD2  H N N 261 
PRO HD3  H N N 262 
PRO HXT  H N N 263 
SER N    N N N 264 
SER CA   C N S 265 
SER C    C N N 266 
SER O    O N N 267 
SER CB   C N N 268 
SER OG   O N N 269 
SER OXT  O N N 270 
SER H    H N N 271 
SER H2   H N N 272 
SER HA   H N N 273 
SER HB2  H N N 274 
SER HB3  H N N 275 
SER HG   H N N 276 
SER HXT  H N N 277 
THR N    N N N 278 
THR CA   C N S 279 
THR C    C N N 280 
THR O    O N N 281 
THR CB   C N R 282 
THR OG1  O N N 283 
THR CG2  C N N 284 
THR OXT  O N N 285 
THR H    H N N 286 
THR H2   H N N 287 
THR HA   H N N 288 
THR HB   H N N 289 
THR HG1  H N N 290 
THR HG21 H N N 291 
THR HG22 H N N 292 
THR HG23 H N N 293 
THR HXT  H N N 294 
TRP N    N N N 295 
TRP CA   C N S 296 
TRP C    C N N 297 
TRP O    O N N 298 
TRP CB   C N N 299 
TRP CG   C Y N 300 
TRP CD1  C Y N 301 
TRP CD2  C Y N 302 
TRP NE1  N Y N 303 
TRP CE2  C Y N 304 
TRP CE3  C Y N 305 
TRP CZ2  C Y N 306 
TRP CZ3  C Y N 307 
TRP CH2  C Y N 308 
TRP OXT  O N N 309 
TRP H    H N N 310 
TRP H2   H N N 311 
TRP HA   H N N 312 
TRP HB2  H N N 313 
TRP HB3  H N N 314 
TRP HD1  H N N 315 
TRP HE1  H N N 316 
TRP HE3  H N N 317 
TRP HZ2  H N N 318 
TRP HZ3  H N N 319 
TRP HH2  H N N 320 
TRP HXT  H N N 321 
TYR N    N N N 322 
TYR CA   C N S 323 
TYR C    C N N 324 
TYR O    O N N 325 
TYR CB   C N N 326 
TYR CG   C Y N 327 
TYR CD1  C Y N 328 
TYR CD2  C Y N 329 
TYR CE1  C Y N 330 
TYR CE2  C Y N 331 
TYR CZ   C Y N 332 
TYR OH   O N N 333 
TYR OXT  O N N 334 
TYR H    H N N 335 
TYR H2   H N N 336 
TYR HA   H N N 337 
TYR HB2  H N N 338 
TYR HB3  H N N 339 
TYR HD1  H N N 340 
TYR HD2  H N N 341 
TYR HE1  H N N 342 
TYR HE2  H N N 343 
TYR HH   H N N 344 
TYR HXT  H N N 345 
VAL N    N N N 346 
VAL CA   C N S 347 
VAL C    C N N 348 
VAL O    O N N 349 
VAL CB   C N N 350 
VAL CG1  C N N 351 
VAL CG2  C N N 352 
VAL OXT  O N N 353 
VAL H    H N N 354 
VAL H2   H N N 355 
VAL HA   H N N 356 
VAL HB   H N N 357 
VAL HG11 H N N 358 
VAL HG12 H N N 359 
VAL HG13 H N N 360 
VAL HG21 H N N 361 
VAL HG22 H N N 362 
VAL HG23 H N N 363 
VAL HXT  H N N 364 
# 
loop_
_chem_comp_bond.comp_id 
_chem_comp_bond.atom_id_1 
_chem_comp_bond.atom_id_2 
_chem_comp_bond.value_order 
_chem_comp_bond.pdbx_aromatic_flag 
_chem_comp_bond.pdbx_stereo_config 
_chem_comp_bond.pdbx_ordinal 
ALA N   CA   sing N N 1   
ALA N   H    sing N N 2   
ALA N   H2   sing N N 3   
ALA CA  C    sing N N 4   
ALA CA  CB   sing N N 5   
ALA CA  HA   sing N N 6   
ALA C   O    doub N N 7   
ALA C   OXT  sing N N 8   
ALA CB  HB1  sing N N 9   
ALA CB  HB2  sing N N 10  
ALA CB  HB3  sing N N 11  
ALA OXT HXT  sing N N 12  
ARG N   CA   sing N N 13  
ARG N   H    sing N N 14  
ARG N   H2   sing N N 15  
ARG CA  C    sing N N 16  
ARG CA  CB   sing N N 17  
ARG CA  HA   sing N N 18  
ARG C   O    doub N N 19  
ARG C   OXT  sing N N 20  
ARG CB  CG   sing N N 21  
ARG CB  HB2  sing N N 22  
ARG CB  HB3  sing N N 23  
ARG CG  CD   sing N N 24  
ARG CG  HG2  sing N N 25  
ARG CG  HG3  sing N N 26  
ARG CD  NE   sing N N 27  
ARG CD  HD2  sing N N 28  
ARG CD  HD3  sing N N 29  
ARG NE  CZ   sing N N 30  
ARG NE  HE   sing N N 31  
ARG CZ  NH1  sing N N 32  
ARG CZ  NH2  doub N N 33  
ARG NH1 HH11 sing N N 34  
ARG NH1 HH12 sing N N 35  
ARG NH2 HH21 sing N N 36  
ARG NH2 HH22 sing N N 37  
ARG OXT HXT  sing N N 38  
ASN N   CA   sing N N 39  
ASN N   H    sing N N 40  
ASN N   H2   sing N N 41  
ASN CA  C    sing N N 42  
ASN CA  CB   sing N N 43  
ASN CA  HA   sing N N 44  
ASN C   O    doub N N 45  
ASN C   OXT  sing N N 46  
ASN CB  CG   sing N N 47  
ASN CB  HB2  sing N N 48  
ASN CB  HB3  sing N N 49  
ASN CG  OD1  doub N N 50  
ASN CG  ND2  sing N N 51  
ASN ND2 HD21 sing N N 52  
ASN ND2 HD22 sing N N 53  
ASN OXT HXT  sing N N 54  
ASP N   CA   sing N N 55  
ASP N   H    sing N N 56  
ASP N   H2   sing N N 57  
ASP CA  C    sing N N 58  
ASP CA  CB   sing N N 59  
ASP CA  HA   sing N N 60  
ASP C   O    doub N N 61  
ASP C   OXT  sing N N 62  
ASP CB  CG   sing N N 63  
ASP CB  HB2  sing N N 64  
ASP CB  HB3  sing N N 65  
ASP CG  OD1  doub N N 66  
ASP CG  OD2  sing N N 67  
ASP OD2 HD2  sing N N 68  
ASP OXT HXT  sing N N 69  
EDO C1  O1   sing N N 70  
EDO C1  C2   sing N N 71  
EDO C1  H11  sing N N 72  
EDO C1  H12  sing N N 73  
EDO O1  HO1  sing N N 74  
EDO C2  O2   sing N N 75  
EDO C2  H21  sing N N 76  
EDO C2  H22  sing N N 77  
EDO O2  HO2  sing N N 78  
GLN N   CA   sing N N 79  
GLN N   H    sing N N 80  
GLN N   H2   sing N N 81  
GLN CA  C    sing N N 82  
GLN CA  CB   sing N N 83  
GLN CA  HA   sing N N 84  
GLN C   O    doub N N 85  
GLN C   OXT  sing N N 86  
GLN CB  CG   sing N N 87  
GLN CB  HB2  sing N N 88  
GLN CB  HB3  sing N N 89  
GLN CG  CD   sing N N 90  
GLN CG  HG2  sing N N 91  
GLN CG  HG3  sing N N 92  
GLN CD  OE1  doub N N 93  
GLN CD  NE2  sing N N 94  
GLN NE2 HE21 sing N N 95  
GLN NE2 HE22 sing N N 96  
GLN OXT HXT  sing N N 97  
GLU N   CA   sing N N 98  
GLU N   H    sing N N 99  
GLU N   H2   sing N N 100 
GLU CA  C    sing N N 101 
GLU CA  CB   sing N N 102 
GLU CA  HA   sing N N 103 
GLU C   O    doub N N 104 
GLU C   OXT  sing N N 105 
GLU CB  CG   sing N N 106 
GLU CB  HB2  sing N N 107 
GLU CB  HB3  sing N N 108 
GLU CG  CD   sing N N 109 
GLU CG  HG2  sing N N 110 
GLU CG  HG3  sing N N 111 
GLU CD  OE1  doub N N 112 
GLU CD  OE2  sing N N 113 
GLU OE2 HE2  sing N N 114 
GLU OXT HXT  sing N N 115 
GLY N   CA   sing N N 116 
GLY N   H    sing N N 117 
GLY N   H2   sing N N 118 
GLY CA  C    sing N N 119 
GLY CA  HA2  sing N N 120 
GLY CA  HA3  sing N N 121 
GLY C   O    doub N N 122 
GLY C   OXT  sing N N 123 
GLY OXT HXT  sing N N 124 
HIS N   CA   sing N N 125 
HIS N   H    sing N N 126 
HIS N   H2   sing N N 127 
HIS CA  C    sing N N 128 
HIS CA  CB   sing N N 129 
HIS CA  HA   sing N N 130 
HIS C   O    doub N N 131 
HIS C   OXT  sing N N 132 
HIS CB  CG   sing N N 133 
HIS CB  HB2  sing N N 134 
HIS CB  HB3  sing N N 135 
HIS CG  ND1  sing Y N 136 
HIS CG  CD2  doub Y N 137 
HIS ND1 CE1  doub Y N 138 
HIS ND1 HD1  sing N N 139 
HIS CD2 NE2  sing Y N 140 
HIS CD2 HD2  sing N N 141 
HIS CE1 NE2  sing Y N 142 
HIS CE1 HE1  sing N N 143 
HIS NE2 HE2  sing N N 144 
HIS OXT HXT  sing N N 145 
HOH O   H1   sing N N 146 
HOH O   H2   sing N N 147 
LEU N   CA   sing N N 148 
LEU N   H    sing N N 149 
LEU N   H2   sing N N 150 
LEU CA  C    sing N N 151 
LEU CA  CB   sing N N 152 
LEU CA  HA   sing N N 153 
LEU C   O    doub N N 154 
LEU C   OXT  sing N N 155 
LEU CB  CG   sing N N 156 
LEU CB  HB2  sing N N 157 
LEU CB  HB3  sing N N 158 
LEU CG  CD1  sing N N 159 
LEU CG  CD2  sing N N 160 
LEU CG  HG   sing N N 161 
LEU CD1 HD11 sing N N 162 
LEU CD1 HD12 sing N N 163 
LEU CD1 HD13 sing N N 164 
LEU CD2 HD21 sing N N 165 
LEU CD2 HD22 sing N N 166 
LEU CD2 HD23 sing N N 167 
LEU OXT HXT  sing N N 168 
LYS N   CA   sing N N 169 
LYS N   H    sing N N 170 
LYS N   H2   sing N N 171 
LYS CA  C    sing N N 172 
LYS CA  CB   sing N N 173 
LYS CA  HA   sing N N 174 
LYS C   O    doub N N 175 
LYS C   OXT  sing N N 176 
LYS CB  CG   sing N N 177 
LYS CB  HB2  sing N N 178 
LYS CB  HB3  sing N N 179 
LYS CG  CD   sing N N 180 
LYS CG  HG2  sing N N 181 
LYS CG  HG3  sing N N 182 
LYS CD  CE   sing N N 183 
LYS CD  HD2  sing N N 184 
LYS CD  HD3  sing N N 185 
LYS CE  NZ   sing N N 186 
LYS CE  HE2  sing N N 187 
LYS CE  HE3  sing N N 188 
LYS NZ  HZ1  sing N N 189 
LYS NZ  HZ2  sing N N 190 
LYS NZ  HZ3  sing N N 191 
LYS OXT HXT  sing N N 192 
MET N   CA   sing N N 193 
MET N   H    sing N N 194 
MET N   H2   sing N N 195 
MET CA  C    sing N N 196 
MET CA  CB   sing N N 197 
MET CA  HA   sing N N 198 
MET C   O    doub N N 199 
MET C   OXT  sing N N 200 
MET CB  CG   sing N N 201 
MET CB  HB2  sing N N 202 
MET CB  HB3  sing N N 203 
MET CG  SD   sing N N 204 
MET CG  HG2  sing N N 205 
MET CG  HG3  sing N N 206 
MET SD  CE   sing N N 207 
MET CE  HE1  sing N N 208 
MET CE  HE2  sing N N 209 
MET CE  HE3  sing N N 210 
MET OXT HXT  sing N N 211 
PHE N   CA   sing N N 212 
PHE N   H    sing N N 213 
PHE N   H2   sing N N 214 
PHE CA  C    sing N N 215 
PHE CA  CB   sing N N 216 
PHE CA  HA   sing N N 217 
PHE C   O    doub N N 218 
PHE C   OXT  sing N N 219 
PHE CB  CG   sing N N 220 
PHE CB  HB2  sing N N 221 
PHE CB  HB3  sing N N 222 
PHE CG  CD1  doub Y N 223 
PHE CG  CD2  sing Y N 224 
PHE CD1 CE1  sing Y N 225 
PHE CD1 HD1  sing N N 226 
PHE CD2 CE2  doub Y N 227 
PHE CD2 HD2  sing N N 228 
PHE CE1 CZ   doub Y N 229 
PHE CE1 HE1  sing N N 230 
PHE CE2 CZ   sing Y N 231 
PHE CE2 HE2  sing N N 232 
PHE CZ  HZ   sing N N 233 
PHE OXT HXT  sing N N 234 
PRO N   CA   sing N N 235 
PRO N   CD   sing N N 236 
PRO N   H    sing N N 237 
PRO CA  C    sing N N 238 
PRO CA  CB   sing N N 239 
PRO CA  HA   sing N N 240 
PRO C   O    doub N N 241 
PRO C   OXT  sing N N 242 
PRO CB  CG   sing N N 243 
PRO CB  HB2  sing N N 244 
PRO CB  HB3  sing N N 245 
PRO CG  CD   sing N N 246 
PRO CG  HG2  sing N N 247 
PRO CG  HG3  sing N N 248 
PRO CD  HD2  sing N N 249 
PRO CD  HD3  sing N N 250 
PRO OXT HXT  sing N N 251 
SER N   CA   sing N N 252 
SER N   H    sing N N 253 
SER N   H2   sing N N 254 
SER CA  C    sing N N 255 
SER CA  CB   sing N N 256 
SER CA  HA   sing N N 257 
SER C   O    doub N N 258 
SER C   OXT  sing N N 259 
SER CB  OG   sing N N 260 
SER CB  HB2  sing N N 261 
SER CB  HB3  sing N N 262 
SER OG  HG   sing N N 263 
SER OXT HXT  sing N N 264 
THR N   CA   sing N N 265 
THR N   H    sing N N 266 
THR N   H2   sing N N 267 
THR CA  C    sing N N 268 
THR CA  CB   sing N N 269 
THR CA  HA   sing N N 270 
THR C   O    doub N N 271 
THR C   OXT  sing N N 272 
THR CB  OG1  sing N N 273 
THR CB  CG2  sing N N 274 
THR CB  HB   sing N N 275 
THR OG1 HG1  sing N N 276 
THR CG2 HG21 sing N N 277 
THR CG2 HG22 sing N N 278 
THR CG2 HG23 sing N N 279 
THR OXT HXT  sing N N 280 
TRP N   CA   sing N N 281 
TRP N   H    sing N N 282 
TRP N   H2   sing N N 283 
TRP CA  C    sing N N 284 
TRP CA  CB   sing N N 285 
TRP CA  HA   sing N N 286 
TRP C   O    doub N N 287 
TRP C   OXT  sing N N 288 
TRP CB  CG   sing N N 289 
TRP CB  HB2  sing N N 290 
TRP CB  HB3  sing N N 291 
TRP CG  CD1  doub Y N 292 
TRP CG  CD2  sing Y N 293 
TRP CD1 NE1  sing Y N 294 
TRP CD1 HD1  sing N N 295 
TRP CD2 CE2  doub Y N 296 
TRP CD2 CE3  sing Y N 297 
TRP NE1 CE2  sing Y N 298 
TRP NE1 HE1  sing N N 299 
TRP CE2 CZ2  sing Y N 300 
TRP CE3 CZ3  doub Y N 301 
TRP CE3 HE3  sing N N 302 
TRP CZ2 CH2  doub Y N 303 
TRP CZ2 HZ2  sing N N 304 
TRP CZ3 CH2  sing Y N 305 
TRP CZ3 HZ3  sing N N 306 
TRP CH2 HH2  sing N N 307 
TRP OXT HXT  sing N N 308 
TYR N   CA   sing N N 309 
TYR N   H    sing N N 310 
TYR N   H2   sing N N 311 
TYR CA  C    sing N N 312 
TYR CA  CB   sing N N 313 
TYR CA  HA   sing N N 314 
TYR C   O    doub N N 315 
TYR C   OXT  sing N N 316 
TYR CB  CG   sing N N 317 
TYR CB  HB2  sing N N 318 
TYR CB  HB3  sing N N 319 
TYR CG  CD1  doub Y N 320 
TYR CG  CD2  sing Y N 321 
TYR CD1 CE1  sing Y N 322 
TYR CD1 HD1  sing N N 323 
TYR CD2 CE2  doub Y N 324 
TYR CD2 HD2  sing N N 325 
TYR CE1 CZ   doub Y N 326 
TYR CE1 HE1  sing N N 327 
TYR CE2 CZ   sing Y N 328 
TYR CE2 HE2  sing N N 329 
TYR CZ  OH   sing N N 330 
TYR OH  HH   sing N N 331 
TYR OXT HXT  sing N N 332 
VAL N   CA   sing N N 333 
VAL N   H    sing N N 334 
VAL N   H2   sing N N 335 
VAL CA  C    sing N N 336 
VAL CA  CB   sing N N 337 
VAL CA  HA   sing N N 338 
VAL C   O    doub N N 339 
VAL C   OXT  sing N N 340 
VAL CB  CG1  sing N N 341 
VAL CB  CG2  sing N N 342 
VAL CB  HB   sing N N 343 
VAL CG1 HG11 sing N N 344 
VAL CG1 HG12 sing N N 345 
VAL CG1 HG13 sing N N 346 
VAL CG2 HG21 sing N N 347 
VAL CG2 HG22 sing N N 348 
VAL CG2 HG23 sing N N 349 
VAL OXT HXT  sing N N 350 
# 
loop_
_pdbx_audit_support.funding_organization 
_pdbx_audit_support.country 
_pdbx_audit_support.grant_number 
_pdbx_audit_support.ordinal 
'National Institutes of Health/National Center for Advancing Translational Sciences (NIH/NCATS)' 'United States' 1R03TR004875 1 
'National Institutes of Health/National Institute of General Medical Sciences (NIH/NIGMS)'       'United States' 5R01GM079428 2 
# 
_pdbx_initial_refinement_model.id               1 
_pdbx_initial_refinement_model.entity_id_list   ? 
_pdbx_initial_refinement_model.type             'experimental model' 
_pdbx_initial_refinement_model.source_name      PDB 
_pdbx_initial_refinement_model.accession_code   1fjl 
_pdbx_initial_refinement_model.details          ? 
# 
_atom_sites.entry_id                    9D9V 
_atom_sites.Cartn_transf_matrix[1][1]   ? 
_atom_sites.Cartn_transf_matrix[1][2]   ? 
_atom_sites.Cartn_transf_matrix[1][3]   ? 
_atom_sites.Cartn_transf_matrix[2][1]   ? 
_atom_sites.Cartn_transf_matrix[2][2]   ? 
_atom_sites.Cartn_transf_matrix[2][3]   ? 
_atom_sites.Cartn_transf_matrix[3][1]   ? 
_atom_sites.Cartn_transf_matrix[3][2]   ? 
_atom_sites.Cartn_transf_matrix[3][3]   ? 
_atom_sites.Cartn_transf_vector[1]      ? 
_atom_sites.Cartn_transf_vector[2]      ? 
_atom_sites.Cartn_transf_vector[3]      ? 
_atom_sites.Cartn_transform_axes        ? 
_atom_sites.fract_transf_matrix[1][1]   -0.00723309 
_atom_sites.fract_transf_matrix[1][2]   -0.00559500 
_atom_sites.fract_transf_matrix[1][3]   -0.00503913 
_atom_sites.fract_transf_matrix[2][1]   0.00668743 
_atom_sites.fract_transf_matrix[2][2]   -0.00798464 
_atom_sites.fract_transf_matrix[2][3]   -0.00073360 
_atom_sites.fract_transf_matrix[3][1]   -0.00346051 
_atom_sites.fract_transf_matrix[3][2]   -0.00373576 
_atom_sites.fract_transf_matrix[3][3]   0.00911501 
_atom_sites.fract_transf_vector[1]      0.109717 
_atom_sites.fract_transf_vector[2]      0.125285 
_atom_sites.fract_transf_vector[3]      -0.066270 
_atom_sites.solution_primary            ? 
_atom_sites.solution_secondary          ? 
_atom_sites.solution_hydrogens          ? 
_atom_sites.special_details             ? 
# 
loop_
_atom_type.symbol 
C 
N 
O 
S 
# 
loop_
_atom_site.group_PDB 
_atom_site.id 
_atom_site.type_symbol 
_atom_site.label_atom_id 
_atom_site.label_alt_id 
_atom_site.label_comp_id 
_atom_site.label_asym_id 
_atom_site.label_entity_id 
_atom_site.label_seq_id 
_atom_site.pdbx_PDB_ins_code 
_atom_site.Cartn_x 
_atom_site.Cartn_y 
_atom_site.Cartn_z 
_atom_site.occupancy 
_atom_site.B_iso_or_equiv 
_atom_site.pdbx_formal_charge 
_atom_site.auth_seq_id 
_atom_site.auth_comp_id 
_atom_site.auth_asym_id 
_atom_site.auth_atom_id 
_atom_site.pdbx_PDB_model_num 
ATOM   1   N N   . ARG A 1 15 ? 11.045  12.753  2.256   1.00 100.30 ? 218 ARG A N   1 
ATOM   2   C CA  . ARG A 1 15 ? 10.130  13.891  2.185   1.00 112.83 ? 218 ARG A CA  1 
ATOM   3   C C   . ARG A 1 15 ? 8.682   13.420  2.322   1.00 111.79 ? 218 ARG A C   1 
ATOM   4   O O   . ARG A 1 15 ? 8.329   12.760  3.304   1.00 105.47 ? 218 ARG A O   1 
ATOM   5   C CB  . ARG A 1 15 ? 10.320  14.660  0.872   1.00 105.49 ? 218 ARG A CB  1 
ATOM   6   N N   . THR A 1 16 ? 7.845   13.784  1.338   1.00 115.59 ? 219 THR A N   1 
ATOM   7   C CA  . THR A 1 16 ? 6.486   13.259  1.207   1.00 111.94 ? 219 THR A CA  1 
ATOM   8   C C   . THR A 1 16 ? 6.317   12.357  -0.012  1.00 108.24 ? 219 THR A C   1 
ATOM   9   O O   . THR A 1 16 ? 5.387   11.541  -0.040  1.00 105.60 ? 219 THR A O   1 
ATOM   10  C CB  . THR A 1 16 ? 5.462   14.411  1.142   1.00 109.78 ? 219 THR A CB  1 
ATOM   11  O OG1 . THR A 1 16 ? 5.629   15.261  2.283   1.00 114.48 ? 219 THR A OG1 1 
ATOM   12  C CG2 . THR A 1 16 ? 4.020   13.887  1.149   1.00 105.50 ? 219 THR A CG2 1 
ATOM   13  N N   . THR A 1 17 ? 7.196   12.472  -1.007  1.00 103.82 ? 220 THR A N   1 
ATOM   14  C CA  . THR A 1 17 ? 7.287   11.460  -2.045  1.00 100.31 ? 220 THR A CA  1 
ATOM   15  C C   . THR A 1 17 ? 7.897   10.175  -1.480  1.00 97.23  ? 220 THR A C   1 
ATOM   16  O O   . THR A 1 17 ? 8.602   10.176  -0.462  1.00 98.00  ? 220 THR A O   1 
ATOM   17  C CB  . THR A 1 17 ? 8.143   11.959  -3.211  1.00 102.34 ? 220 THR A CB  1 
ATOM   18  O OG1 . THR A 1 17 ? 9.219   12.756  -2.695  1.00 106.82 ? 220 THR A OG1 1 
ATOM   19  C CG2 . THR A 1 17 ? 7.307   12.769  -4.207  1.00 93.37  ? 220 THR A CG2 1 
ATOM   20  N N   . PHE A 1 18 ? 7.614   9.069   -2.157  1.00 84.93  ? 221 PHE A N   1 
ATOM   21  C CA  . PHE A 1 18 ? 8.213   7.778   -1.868  1.00 81.42  ? 221 PHE A CA  1 
ATOM   22  C C   . PHE A 1 18 ? 9.287   7.475   -2.900  1.00 84.59  ? 221 PHE A C   1 
ATOM   23  O O   . PHE A 1 18 ? 9.267   8.000   -4.015  1.00 89.94  ? 221 PHE A O   1 
ATOM   24  C CB  . PHE A 1 18 ? 7.160   6.666   -1.888  1.00 84.56  ? 221 PHE A CB  1 
ATOM   25  C CG  . PHE A 1 18 ? 6.086   6.829   -0.857  1.00 86.77  ? 221 PHE A CG  1 
ATOM   26  C CD1 . PHE A 1 18 ? 6.274   6.366   0.437   1.00 82.65  ? 221 PHE A CD1 1 
ATOM   27  C CD2 . PHE A 1 18 ? 4.889   7.454   -1.176  1.00 81.20  ? 221 PHE A CD2 1 
ATOM   28  C CE1 . PHE A 1 18 ? 5.284   6.514   1.392   1.00 79.02  ? 221 PHE A CE1 1 
ATOM   29  C CE2 . PHE A 1 18 ? 3.898   7.609   -0.223  1.00 81.16  ? 221 PHE A CE2 1 
ATOM   30  C CZ  . PHE A 1 18 ? 4.097   7.137   1.065   1.00 80.78  ? 221 PHE A CZ  1 
ATOM   31  N N   . THR A 1 19 ? 10.226  6.609   -2.527  1.00 79.85  ? 222 THR A N   1 
ATOM   32  C CA  . THR A 1 19 ? 11.226  6.198   -3.498  1.00 83.95  ? 222 THR A CA  1 
ATOM   33  C C   . THR A 1 19 ? 10.680  5.062   -4.355  1.00 84.39  ? 222 THR A C   1 
ATOM   34  O O   . THR A 1 19 ? 9.537   4.618   -4.202  1.00 86.37  ? 222 THR A O   1 
ATOM   35  C CB  . THR A 1 19 ? 12.519  5.769   -2.813  1.00 84.98  ? 222 THR A CB  1 
ATOM   36  O OG1 . THR A 1 19 ? 12.402  4.401   -2.386  1.00 81.72  ? 222 THR A OG1 1 
ATOM   37  C CG2 . THR A 1 19 ? 12.825  6.690   -1.624  1.00 77.46  ? 222 THR A CG2 1 
ATOM   38  N N   . SER A 1 20 ? 11.520  4.578   -5.269  1.00 84.15  ? 223 SER A N   1 
ATOM   39  C CA  . SER A 1 20 ? 11.105  3.504   -6.161  1.00 82.21  ? 223 SER A CA  1 
ATOM   40  C C   . SER A 1 20 ? 11.053  2.162   -5.445  1.00 83.45  ? 223 SER A C   1 
ATOM   41  O O   . SER A 1 20 ? 10.105  1.393   -5.634  1.00 82.50  ? 223 SER A O   1 
ATOM   42  C CB  . SER A 1 20 ? 12.052  3.418   -7.352  1.00 82.48  ? 223 SER A CB  1 
ATOM   43  O OG  . SER A 1 20 ? 11.497  2.568   -8.336  1.00 92.95  ? 223 SER A OG  1 
ATOM   44  N N   . TYR A 1 21 ? 12.078  1.858   -4.644  1.00 83.75  ? 224 TYR A N   1 
ATOM   45  C CA  . TYR A 1 21 ? 12.083  0.613   -3.885  1.00 84.07  ? 224 TYR A CA  1 
ATOM   46  C C   . TYR A 1 21 ? 10.923  0.580   -2.896  1.00 85.55  ? 224 TYR A C   1 
ATOM   47  O O   . TYR A 1 21 ? 10.297  -0.469  -2.700  1.00 85.33  ? 224 TYR A O   1 
ATOM   48  C CB  . TYR A 1 21 ? 13.423  0.448   -3.163  1.00 82.90  ? 224 TYR A CB  1 
ATOM   49  C CG  . TYR A 1 21 ? 13.521  -0.740  -2.210  1.00 86.27  ? 224 TYR A CG  1 
ATOM   50  C CD1 . TYR A 1 21 ? 13.533  -2.056  -2.682  1.00 83.79  ? 224 TYR A CD1 1 
ATOM   51  C CD2 . TYR A 1 21 ? 13.622  -0.540  -0.835  1.00 84.60  ? 224 TYR A CD2 1 
ATOM   52  C CE1 . TYR A 1 21 ? 13.637  -3.133  -1.801  1.00 83.40  ? 224 TYR A CE1 1 
ATOM   53  C CE2 . TYR A 1 21 ? 13.721  -1.607  0.050   1.00 81.71  ? 224 TYR A CE2 1 
ATOM   54  C CZ  . TYR A 1 21 ? 13.727  -2.895  -0.432  1.00 85.26  ? 224 TYR A CZ  1 
ATOM   55  O OH  . TYR A 1 21 ? 13.826  -3.936  0.465   1.00 84.52  ? 224 TYR A OH  1 
ATOM   56  N N   . GLN A 1 22 ? 10.608  1.726   -2.285  1.00 80.96  ? 225 GLN A N   1 
ATOM   57  C CA  . GLN A 1 22 ? 9.495   1.780   -1.341  1.00 79.21  ? 225 GLN A CA  1 
ATOM   58  C C   . GLN A 1 22 ? 8.178   1.438   -2.025  1.00 80.41  ? 225 GLN A C   1 
ATOM   59  O O   . GLN A 1 22 ? 7.398   0.620   -1.519  1.00 75.51  ? 225 GLN A O   1 
ATOM   60  C CB  . GLN A 1 22 ? 9.420   3.158   -0.686  1.00 75.53  ? 225 GLN A CB  1 
ATOM   61  C CG  . GLN A 1 22 ? 10.675  3.507   0.072   1.00 79.29  ? 225 GLN A CG  1 
ATOM   62  C CD  . GLN A 1 22 ? 10.659  4.905   0.633   1.00 77.86  ? 225 GLN A CD  1 
ATOM   63  O OE1 . GLN A 1 22 ? 10.212  5.852   -0.019  1.00 81.15  ? 225 GLN A OE1 1 
ATOM   64  N NE2 . GLN A 1 22 ? 11.154  5.047   1.856   1.00 68.54  ? 225 GLN A NE2 1 
ATOM   65  N N   . LEU A 1 23 ? 7.908   2.053   -3.178  1.00 78.08  ? 226 LEU A N   1 
ATOM   66  C CA  . LEU A 1 23 ? 6.666   1.738   -3.866  1.00 73.97  ? 226 LEU A CA  1 
ATOM   67  C C   . LEU A 1 23 ? 6.625   0.278   -4.311  1.00 78.87  ? 226 LEU A C   1 
ATOM   68  O O   . LEU A 1 23 ? 5.542   -0.312  -4.381  1.00 79.50  ? 226 LEU A O   1 
ATOM   69  C CB  . LEU A 1 23 ? 6.450   2.671   -5.055  1.00 76.75  ? 226 LEU A CB  1 
ATOM   70  C CG  . LEU A 1 23 ? 6.003   4.110   -4.767  1.00 78.96  ? 226 LEU A CG  1 
ATOM   71  C CD1 . LEU A 1 23 ? 5.362   4.692   -6.014  1.00 74.74  ? 226 LEU A CD1 1 
ATOM   72  C CD2 . LEU A 1 23 ? 5.059   4.224   -3.569  1.00 74.72  ? 226 LEU A CD2 1 
ATOM   73  N N   . GLU A 1 24 ? 7.780   -0.332  -4.596  1.00 75.84  ? 227 GLU A N   1 
ATOM   74  C CA  . GLU A 1 24 ? 7.768   -1.745  -4.958  1.00 76.44  ? 227 GLU A CA  1 
ATOM   75  C C   . GLU A 1 24 ? 7.385   -2.612  -3.769  1.00 76.10  ? 227 GLU A C   1 
ATOM   76  O O   . GLU A 1 24 ? 6.597   -3.559  -3.906  1.00 76.96  ? 227 GLU A O   1 
ATOM   77  C CB  . GLU A 1 24 ? 9.132   -2.191  -5.479  1.00 86.14  ? 227 GLU A CB  1 
ATOM   78  C CG  . GLU A 1 24 ? 9.679   -1.449  -6.681  1.00 93.56  ? 227 GLU A CG  1 
ATOM   79  C CD  . GLU A 1 24 ? 10.881  -2.176  -7.277  1.00 101.89 ? 227 GLU A CD  1 
ATOM   80  O OE1 . GLU A 1 24 ? 11.022  -2.193  -8.522  1.00 103.61 ? 227 GLU A OE1 1 
ATOM   81  O OE2 . GLU A 1 24 ? 11.665  -2.768  -6.490  1.00 102.21 ? 227 GLU A OE2 1 
ATOM   82  N N   . GLU A 1 25 ? 7.940   -2.323  -2.593  1.00 72.71  ? 228 GLU A N   1 
ATOM   83  C CA  . GLU A 1 25 ? 7.661   -3.202  -1.469  1.00 76.25  ? 228 GLU A CA  1 
ATOM   84  C C   . GLU A 1 25 ? 6.293   -2.929  -0.851  1.00 73.41  ? 228 GLU A C   1 
ATOM   85  O O   . GLU A 1 25 ? 5.633   -3.875  -0.404  1.00 67.88  ? 228 GLU A O   1 
ATOM   86  C CB  . GLU A 1 25 ? 8.765   -3.115  -0.414  1.00 74.85  ? 228 GLU A CB  1 
ATOM   87  C CG  . GLU A 1 25 ? 10.143  -3.452  -0.963  1.00 78.38  ? 228 GLU A CG  1 
ATOM   88  C CD  . GLU A 1 25 ? 10.231  -4.903  -1.427  1.00 83.95  ? 228 GLU A CD  1 
ATOM   89  O OE1 . GLU A 1 25 ? 9.991   -5.813  -0.603  1.00 89.81  ? 228 GLU A OE1 1 
ATOM   90  O OE2 . GLU A 1 25 ? 10.578  -5.139  -2.613  1.00 85.41  ? 228 GLU A OE2 1 
ATOM   91  N N   . LEU A 1 26 ? 5.836   -1.671  -0.842  1.00 68.01  ? 229 LEU A N   1 
ATOM   92  C CA  . LEU A 1 26 ? 4.458   -1.412  -0.442  1.00 64.75  ? 229 LEU A CA  1 
ATOM   93  C C   . LEU A 1 26 ? 3.490   -2.185  -1.325  1.00 66.38  ? 229 LEU A C   1 
ATOM   94  O O   . LEU A 1 26 ? 2.561   -2.835  -0.830  1.00 66.58  ? 229 LEU A O   1 
ATOM   95  C CB  . LEU A 1 26 ? 4.141   0.083   -0.498  1.00 63.55  ? 229 LEU A CB  1 
ATOM   96  C CG  . LEU A 1 26 ? 4.847   0.987   0.505   1.00 62.52  ? 229 LEU A CG  1 
ATOM   97  C CD1 . LEU A 1 26 ? 4.838   2.427   0.017   1.00 63.91  ? 229 LEU A CD1 1 
ATOM   98  C CD2 . LEU A 1 26 ? 4.213   0.867   1.863   1.00 64.59  ? 229 LEU A CD2 1 
ATOM   99  N N   . GLU A 1 27 ? 3.704   -2.155  -2.635  1.00 68.10  ? 230 GLU A N   1 
ATOM   100 C CA  . GLU A 1 27 ? 2.769   -2.835  -3.517  1.00 65.79  ? 230 GLU A CA  1 
ATOM   101 C C   . GLU A 1 27 ? 2.872   -4.349  -3.377  1.00 64.66  ? 230 GLU A C   1 
ATOM   102 O O   . GLU A 1 27 ? 1.852   -5.039  -3.464  1.00 68.12  ? 230 GLU A O   1 
ATOM   103 C CB  . GLU A 1 27 ? 2.988   -2.387  -4.968  1.00 68.19  ? 230 GLU A CB  1 
ATOM   104 C CG  . GLU A 1 27 ? 1.971   -2.958  -5.949  1.00 66.86  ? 230 GLU A CG  1 
ATOM   105 C CD  . GLU A 1 27 ? 0.565   -2.342  -5.789  1.00 80.41  ? 230 GLU A CD  1 
ATOM   106 O OE1 . GLU A 1 27 ? 0.441   -1.220  -5.223  1.00 75.90  ? 230 GLU A OE1 1 
ATOM   107 O OE2 . GLU A 1 27 ? -0.419  -2.989  -6.238  1.00 77.51  ? 230 GLU A OE2 1 
ATOM   108 N N   . LYS A 1 28 ? 4.072   -4.889  -3.143  1.00 62.13  ? 231 LYS A N   1 
ATOM   109 C CA  . LYS A 1 28 ? 4.185   -6.330  -2.919  1.00 68.32  ? 231 LYS A CA  1 
ATOM   110 C C   . LYS A 1 28 ? 3.287   -6.774  -1.759  1.00 66.41  ? 231 LYS A C   1 
ATOM   111 O O   . LYS A 1 28 ? 2.522   -7.738  -1.879  1.00 65.89  ? 231 LYS A O   1 
ATOM   112 C CB  . LYS A 1 28 ? 5.650   -6.718  -2.669  1.00 68.42  ? 231 LYS A CB  1 
ATOM   113 C CG  . LYS A 1 28 ? 6.477   -6.997  -3.935  1.00 65.33  ? 231 LYS A CG  1 
ATOM   114 C CD  . LYS A 1 28 ? 7.988   -6.994  -3.646  1.00 70.90  ? 231 LYS A CD  1 
ATOM   115 C CE  . LYS A 1 28 ? 8.804   -7.136  -4.929  1.00 77.17  ? 231 LYS A CE  1 
ATOM   116 N NZ  . LYS A 1 28 ? 10.227  -6.694  -4.787  1.00 80.77  ? 231 LYS A NZ  1 
ATOM   117 N N   . VAL A 1 29 ? 3.339   -6.056  -0.635  1.00 67.13  ? 232 VAL A N   1 
ATOM   118 C CA  . VAL A 1 29 ? 2.489   -6.398  0.504   1.00 63.46  ? 232 VAL A CA  1 
ATOM   119 C C   . VAL A 1 29 ? 1.011   -6.265  0.147   1.00 63.97  ? 232 VAL A C   1 
ATOM   120 O O   . VAL A 1 29 ? 0.186   -7.098  0.550   1.00 58.18  ? 232 VAL A O   1 
ATOM   121 C CB  . VAL A 1 29 ? 2.862   -5.535  1.723   1.00 60.74  ? 232 VAL A CB  1 
ATOM   122 C CG1 . VAL A 1 29 ? 1.964   -5.878  2.896   1.00 57.43  ? 232 VAL A CG1 1 
ATOM   123 C CG2 . VAL A 1 29 ? 4.304   -5.817  2.127   1.00 58.51  ? 232 VAL A CG2 1 
ATOM   124 N N   . PHE A 1 30 ? 0.649   -5.213  -0.600  1.00 59.35  ? 233 PHE A N   1 
ATOM   125 C CA  . PHE A 1 30 ? -0.760  -4.988  -0.912  1.00 60.28  ? 233 PHE A CA  1 
ATOM   126 C C   . PHE A 1 30 ? -1.340  -6.147  -1.714  1.00 66.42  ? 233 PHE A C   1 
ATOM   127 O O   . PHE A 1 30 ? -2.510  -6.509  -1.539  1.00 63.62  ? 233 PHE A O   1 
ATOM   128 C CB  . PHE A 1 30 ? -0.939  -3.667  -1.663  1.00 58.39  ? 233 PHE A CB  1 
ATOM   129 C CG  . PHE A 1 30 ? -2.369  -3.327  -1.949  1.00 61.40  ? 233 PHE A CG  1 
ATOM   130 C CD1 . PHE A 1 30 ? -3.209  -2.861  -0.936  1.00 64.43  ? 233 PHE A CD1 1 
ATOM   131 C CD2 . PHE A 1 30 ? -2.900  -3.522  -3.221  1.00 65.47  ? 233 PHE A CD2 1 
ATOM   132 C CE1 . PHE A 1 30 ? -4.554  -2.560  -1.187  1.00 62.40  ? 233 PHE A CE1 1 
ATOM   133 C CE2 . PHE A 1 30 ? -4.233  -3.234  -3.490  1.00 63.48  ? 233 PHE A CE2 1 
ATOM   134 C CZ  . PHE A 1 30 ? -5.066  -2.745  -2.469  1.00 67.51  ? 233 PHE A CZ  1 
ATOM   135 N N   . GLN A 1 31 ? -0.529  -6.752  -2.588  1.00 66.77  ? 234 GLN A N   1 
ATOM   136 C CA  . GLN A 1 31 ? -0.975  -7.918  -3.342  1.00 68.20  ? 234 GLN A CA  1 
ATOM   137 C C   . GLN A 1 31 ? -1.301  -9.092  -2.423  1.00 72.40  ? 234 GLN A C   1 
ATOM   138 O O   . GLN A 1 31 ? -2.293  -9.802  -2.638  1.00 78.36  ? 234 GLN A O   1 
ATOM   139 C CB  . GLN A 1 31 ? 0.094   -8.306  -4.359  1.00 70.42  ? 234 GLN A CB  1 
ATOM   140 C CG  . GLN A 1 31 ? 0.239   -7.297  -5.499  1.00 72.75  ? 234 GLN A CG  1 
ATOM   141 C CD  . GLN A 1 31 ? -1.104  -6.962  -6.136  1.00 77.09  ? 234 GLN A CD  1 
ATOM   142 O OE1 . GLN A 1 31 ? -1.896  -7.861  -6.437  1.00 80.15  ? 234 GLN A OE1 1 
ATOM   143 N NE2 . GLN A 1 31 ? -1.356  -5.671  -6.366  1.00 72.13  ? 234 GLN A NE2 1 
ATOM   144 N N   . LYS A 1 32 ? -0.491  -9.295  -1.379  1.00 67.31  ? 235 LYS A N   1 
ATOM   145 C CA  . LYS A 1 32 ? -0.714  -10.407 -0.459  1.00 67.58  ? 235 LYS A CA  1 
ATOM   146 C C   . LYS A 1 32 ? -1.927  -10.172 0.435   1.00 70.15  ? 235 LYS A C   1 
ATOM   147 O O   . LYS A 1 32 ? -2.698  -11.098 0.707   1.00 71.75  ? 235 LYS A O   1 
ATOM   148 C CB  . LYS A 1 32 ? 0.537   -10.626 0.388   1.00 75.48  ? 235 LYS A CB  1 
ATOM   149 C CG  . LYS A 1 32 ? 1.758   -10.968 -0.428  1.00 75.49  ? 235 LYS A CG  1 
ATOM   150 C CD  . LYS A 1 32 ? 1.524   -12.293 -1.129  1.00 86.49  ? 235 LYS A CD  1 
ATOM   151 C CE  . LYS A 1 32 ? 2.746   -12.752 -1.880  1.00 92.50  ? 235 LYS A CE  1 
ATOM   152 N NZ  . LYS A 1 32 ? 2.481   -14.042 -2.556  1.00 98.48  ? 235 LYS A NZ  1 
ATOM   153 N N   . THR A 1 33 ? -2.091  -8.950  0.936   1.00 68.89  ? 236 THR A N   1 
ATOM   154 C CA  . THR A 1 33 ? -3.227  -8.596  1.774   1.00 65.31  ? 236 THR A CA  1 
ATOM   155 C C   . THR A 1 33 ? -3.533  -7.114  1.604   1.00 61.78  ? 236 THR A C   1 
ATOM   156 O O   . THR A 1 33 ? -2.646  -6.268  1.749   1.00 56.13  ? 236 THR A O   1 
ATOM   157 C CB  . THR A 1 33 ? -2.963  -8.906  3.258   1.00 66.21  ? 236 THR A CB  1 
ATOM   158 O OG1 . THR A 1 33 ? -3.966  -8.263  4.055   1.00 65.65  ? 236 THR A OG1 1 
ATOM   159 C CG2 . THR A 1 33 ? -1.597  -8.412  3.695   1.00 64.07  ? 236 THR A CG2 1 
ATOM   160 N N   . HIS A 1 34 ? -4.790  -6.802  1.304   1.00 64.65  ? 237 HIS A N   1 
ATOM   161 C CA  . HIS A 1 34 ? -5.169  -5.399  1.242   1.00 62.82  ? 237 HIS A CA  1 
ATOM   162 C C   . HIS A 1 34 ? -5.239  -4.763  2.621   1.00 59.98  ? 237 HIS A C   1 
ATOM   163 O O   . HIS A 1 34 ? -5.380  -3.537  2.721   1.00 59.79  ? 237 HIS A O   1 
ATOM   164 C CB  . HIS A 1 34 ? -6.509  -5.242  0.515   1.00 62.29  ? 237 HIS A CB  1 
ATOM   165 C CG  . HIS A 1 34 ? -6.464  -5.628  -0.936  1.00 72.49  ? 237 HIS A CG  1 
ATOM   166 N ND1 . HIS A 1 34 ? -5.299  -6.002  -1.576  1.00 71.07  ? 237 HIS A ND1 1 
ATOM   167 C CD2 . HIS A 1 34 ? -7.438  -5.662  -1.880  1.00 73.56  ? 237 HIS A CD2 1 
ATOM   168 C CE1 . HIS A 1 34 ? -5.560  -6.275  -2.843  1.00 72.41  ? 237 HIS A CE1 1 
ATOM   169 N NE2 . HIS A 1 34 ? -6.849  -6.071  -3.054  1.00 77.88  ? 237 HIS A NE2 1 
ATOM   170 N N   . TYR A 1 35 ? -5.097  -5.545  3.681   1.00 55.11  ? 238 TYR A N   1 
ATOM   171 C CA  . TYR A 1 35 ? -5.383  -5.078  5.034   1.00 58.50  ? 238 TYR A CA  1 
ATOM   172 C C   . TYR A 1 35 ? -4.299  -5.505  6.020   1.00 62.18  ? 238 TYR A C   1 
ATOM   173 O O   . TYR A 1 35 ? -4.577  -6.192  7.010   1.00 59.72  ? 238 TYR A O   1 
ATOM   174 C CB  . TYR A 1 35 ? -6.741  -5.613  5.474   1.00 58.50  ? 238 TYR A CB  1 
ATOM   175 C CG  . TYR A 1 35 ? -7.934  -5.181  4.646   1.00 58.70  ? 238 TYR A CG  1 
ATOM   176 C CD1 . TYR A 1 35 ? -8.605  -4.007  4.944   1.00 55.48  ? 238 TYR A CD1 1 
ATOM   177 C CD2 . TYR A 1 35 ? -8.435  -5.977  3.624   1.00 54.38  ? 238 TYR A CD2 1 
ATOM   178 C CE1 . TYR A 1 35 ? -9.717  -3.614  4.244   1.00 57.24  ? 238 TYR A CE1 1 
ATOM   179 C CE2 . TYR A 1 35 ? -9.568  -5.585  2.911   1.00 59.10  ? 238 TYR A CE2 1 
ATOM   180 C CZ  . TYR A 1 35 ? -10.201 -4.395  3.235   1.00 58.92  ? 238 TYR A CZ  1 
ATOM   181 O OH  . TYR A 1 35 ? -11.320 -3.953  2.552   1.00 64.08  ? 238 TYR A OH  1 
ATOM   182 N N   . PRO A 1 36 ? -3.053  -5.092  5.802   1.00 59.01  ? 239 PRO A N   1 
ATOM   183 C CA  . PRO A 1 36 ? -1.981  -5.504  6.722   1.00 57.64  ? 239 PRO A CA  1 
ATOM   184 C C   . PRO A 1 36 ? -2.211  -4.957  8.126   1.00 55.21  ? 239 PRO A C   1 
ATOM   185 O O   . PRO A 1 36 ? -2.513  -3.778  8.310   1.00 57.19  ? 239 PRO A O   1 
ATOM   186 C CB  . PRO A 1 36 ? -0.717  -4.920  6.080   1.00 53.37  ? 239 PRO A CB  1 
ATOM   187 C CG  . PRO A 1 36 ? -1.220  -3.729  5.277   1.00 56.76  ? 239 PRO A CG  1 
ATOM   188 C CD  . PRO A 1 36 ? -2.626  -4.049  4.850   1.00 52.79  ? 239 PRO A CD  1 
ATOM   189 N N   . ASP A 1 37 ? -2.090  -5.834  9.121   1.00 62.86  ? 240 ASP A N   1 
ATOM   190 C CA  . ASP A 1 37 ? -2.257  -5.434  10.513  1.00 61.58  ? 240 ASP A CA  1 
ATOM   191 C C   . ASP A 1 37 ? -0.972  -4.769  11.041  1.00 60.29  ? 240 ASP A C   1 
ATOM   192 O O   . ASP A 1 37 ? 0.021   -4.598  10.318  1.00 57.92  ? 240 ASP A O   1 
ATOM   193 C CB  . ASP A 1 37 ? -2.710  -6.637  11.351  1.00 55.99  ? 240 ASP A CB  1 
ATOM   194 C CG  . ASP A 1 37 ? -1.606  -7.706  11.547  1.00 66.36  ? 240 ASP A CG  1 
ATOM   195 O OD1 . ASP A 1 37 ? -0.407  -7.398  11.364  1.00 65.67  ? 240 ASP A OD1 1 
ATOM   196 O OD2 . ASP A 1 37 ? -1.939  -8.879  11.896  1.00 68.31  ? 240 ASP A OD2 1 
ATOM   197 N N   . VAL A 1 38 ? -0.981  -4.415  12.329  1.00 53.56  ? 241 VAL A N   1 
ATOM   198 C CA  . VAL A 1 38 ? 0.129   -3.666  12.912  1.00 60.37  ? 241 VAL A CA  1 
ATOM   199 C C   . VAL A 1 38 ? 1.468   -4.387  12.724  1.00 56.94  ? 241 VAL A C   1 
ATOM   200 O O   . VAL A 1 38 ? 2.480   -3.747  12.425  1.00 58.92  ? 241 VAL A O   1 
ATOM   201 C CB  . VAL A 1 38 ? -0.164  -3.338  14.393  1.00 57.50  ? 241 VAL A CB  1 
ATOM   202 C CG1 . VAL A 1 38 ? -0.009  -4.567  15.290  1.00 53.87  ? 241 VAL A CG1 1 
ATOM   203 C CG2 . VAL A 1 38 ? 0.832   -2.273  14.866  1.00 53.25  ? 241 VAL A CG2 1 
ATOM   204 N N   . TYR A 1 39 ? 1.501   -5.713  12.873  1.00 57.08  ? 242 TYR A N   1 
ATOM   205 C CA  . TYR A 1 39 ? 2.763   -6.435  12.716  1.00 56.80  ? 242 TYR A CA  1 
ATOM   206 C C   . TYR A 1 39 ? 3.319   -6.289  11.306  1.00 55.56  ? 242 TYR A C   1 
ATOM   207 O O   . TYR A 1 39 ? 4.509   -6.019  11.118  1.00 58.84  ? 242 TYR A O   1 
ATOM   208 C CB  . TYR A 1 39 ? 2.585   -7.913  13.056  1.00 56.78  ? 242 TYR A CB  1 
ATOM   209 C CG  . TYR A 1 39 ? 1.971   -8.131  14.407  1.00 61.68  ? 242 TYR A CG  1 
ATOM   210 C CD1 . TYR A 1 39 ? 2.687   -7.868  15.571  1.00 56.26  ? 242 TYR A CD1 1 
ATOM   211 C CD2 . TYR A 1 39 ? 0.668   -8.598  14.522  1.00 56.94  ? 242 TYR A CD2 1 
ATOM   212 C CE1 . TYR A 1 39 ? 2.113   -8.066  16.816  1.00 57.27  ? 242 TYR A CE1 1 
ATOM   213 C CE2 . TYR A 1 39 ? 0.087   -8.796  15.751  1.00 57.88  ? 242 TYR A CE2 1 
ATOM   214 C CZ  . TYR A 1 39 ? 0.805   -8.529  16.896  1.00 63.68  ? 242 TYR A CZ  1 
ATOM   215 O OH  . TYR A 1 39 ? 0.198   -8.730  18.118  1.00 69.00  ? 242 TYR A OH  1 
ATOM   216 N N   . ALA A 1 40 ? 2.479   -6.485  10.299  1.00 58.28  ? 243 ALA A N   1 
ATOM   217 C CA  . ALA A 1 40 ? 2.955   -6.349  8.933   1.00 56.35  ? 243 ALA A CA  1 
ATOM   218 C C   . ALA A 1 40 ? 3.390   -4.918  8.649   1.00 58.79  ? 243 ALA A C   1 
ATOM   219 O O   . ALA A 1 40 ? 4.422   -4.687  8.014   1.00 61.27  ? 243 ALA A O   1 
ATOM   220 C CB  . ALA A 1 40 ? 1.867   -6.789  7.960   1.00 53.06  ? 243 ALA A CB  1 
ATOM   221 N N   . ARG A 1 41 ? 2.617   -3.942  9.116   1.00 59.72  ? 244 ARG A N   1 
ATOM   222 C CA  . ARG A 1 41 ? 2.937   -2.557  8.801   1.00 56.82  ? 244 ARG A CA  1 
ATOM   223 C C   . ARG A 1 41 ? 4.250   -2.146  9.443   1.00 63.39  ? 244 ARG A C   1 
ATOM   224 O O   . ARG A 1 41 ? 5.085   -1.480  8.813   1.00 60.79  ? 244 ARG A O   1 
ATOM   225 C CB  . ARG A 1 41 ? 1.809   -1.646  9.270   1.00 56.37  ? 244 ARG A CB  1 
ATOM   226 C CG  . ARG A 1 41 ? 0.547   -1.816  8.497   1.00 58.30  ? 244 ARG A CG  1 
ATOM   227 C CD  . ARG A 1 41 ? -0.318  -0.583  8.662   1.00 66.74  ? 244 ARG A CD  1 
ATOM   228 N NE  . ARG A 1 41 ? -0.589  -0.293  10.063  1.00 62.37  ? 244 ARG A NE  1 
ATOM   229 C CZ  . ARG A 1 41 ? -1.505  -0.913  10.791  1.00 59.67  ? 244 ARG A CZ  1 
ATOM   230 N NH1 . ARG A 1 41 ? -2.281  -1.851  10.272  1.00 61.97  ? 244 ARG A NH1 1 
ATOM   231 N NH2 . ARG A 1 41 ? -1.639  -0.592  12.076  1.00 65.96  ? 244 ARG A NH2 1 
ATOM   232 N N   . GLU A 1 42 ? 4.448   -2.527  10.704  1.00 60.52  ? 245 GLU A N   1 
ATOM   233 C CA  . GLU A 1 42 ? 5.719   -2.291  11.367  1.00 60.88  ? 245 GLU A CA  1 
ATOM   234 C C   . GLU A 1 42 ? 6.879   -2.906  10.582  1.00 65.00  ? 245 GLU A C   1 
ATOM   235 O O   . GLU A 1 42 ? 7.881   -2.238  10.297  1.00 61.56  ? 245 GLU A O   1 
ATOM   236 C CB  . GLU A 1 42 ? 5.645   -2.859  12.775  1.00 62.36  ? 245 GLU A CB  1 
ATOM   237 C CG  . GLU A 1 42 ? 6.535   -2.146  13.727  1.00 66.21  ? 245 GLU A CG  1 
ATOM   238 C CD  . GLU A 1 42 ? 7.778   -2.921  14.063  1.00 75.93  ? 245 GLU A CD  1 
ATOM   239 O OE1 . GLU A 1 42 ? 7.772   -4.177  13.971  1.00 75.64  ? 245 GLU A OE1 1 
ATOM   240 O OE2 . GLU A 1 42 ? 8.769   -2.249  14.430  1.00 84.22  ? 245 GLU A OE2 1 
ATOM   241 N N   . GLN A 1 43 ? 6.745   -4.179  10.195  1.00 62.78  ? 246 GLN A N   1 
ATOM   242 C CA  . GLN A 1 43 ? 7.814   -4.834  9.448   1.00 67.21  ? 246 GLN A CA  1 
ATOM   243 C C   . GLN A 1 43 ? 8.115   -4.110  8.136   1.00 68.08  ? 246 GLN A C   1 
ATOM   244 O O   . GLN A 1 43 ? 9.287   -3.923  7.780   1.00 66.93  ? 246 GLN A O   1 
ATOM   245 C CB  . GLN A 1 43 ? 7.467   -6.290  9.167   1.00 61.14  ? 246 GLN A CB  1 
ATOM   246 C CG  . GLN A 1 43 ? 8.717   -7.114  8.951   1.00 64.59  ? 246 GLN A CG  1 
ATOM   247 C CD  . GLN A 1 43 ? 8.415   -8.483  8.407   1.00 66.47  ? 246 GLN A CD  1 
ATOM   248 O OE1 . GLN A 1 43 ? 8.077   -9.409  9.151   1.00 70.32  ? 246 GLN A OE1 1 
ATOM   249 N NE2 . GLN A 1 43 ? 8.511   -8.619  7.087   1.00 67.03  ? 246 GLN A NE2 1 
ATOM   250 N N   . LEU A 1 44 ? 7.074   -3.713  7.402   1.00 61.52  ? 247 LEU A N   1 
ATOM   251 C CA  . LEU A 1 44 ? 7.261   -2.874  6.218   1.00 65.73  ? 247 LEU A CA  1 
ATOM   252 C C   . LEU A 1 44 ? 8.034   -1.591  6.544   1.00 67.79  ? 247 LEU A C   1 
ATOM   253 O O   . LEU A 1 44 ? 8.961   -1.214  5.819   1.00 66.51  ? 247 LEU A O   1 
ATOM   254 C CB  . LEU A 1 44 ? 5.905   -2.535  5.610   1.00 56.77  ? 247 LEU A CB  1 
ATOM   255 C CG  . LEU A 1 44 ? 5.945   -2.312  4.110   1.00 63.65  ? 247 LEU A CG  1 
ATOM   256 C CD1 . LEU A 1 44 ? 6.837   -3.351  3.473   1.00 60.51  ? 247 LEU A CD1 1 
ATOM   257 C CD2 . LEU A 1 44 ? 4.531   -2.387  3.558   1.00 64.88  ? 247 LEU A CD2 1 
ATOM   258 N N   . ALA A 1 45 ? 7.662   -0.895  7.627   1.00 62.82  ? 248 ALA A N   1 
ATOM   259 C CA  . ALA A 1 45 ? 8.293   0.390   7.901   1.00 63.20  ? 248 ALA A CA  1 
ATOM   260 C C   . ALA A 1 45 ? 9.777   0.226   8.203   1.00 71.70  ? 248 ALA A C   1 
ATOM   261 O O   . ALA A 1 45 ? 10.582  1.106   7.882   1.00 73.43  ? 248 ALA A O   1 
ATOM   262 C CB  . ALA A 1 45 ? 7.587   1.089   9.055   1.00 63.25  ? 248 ALA A CB  1 
ATOM   263 N N   . MET A 1 46 ? 10.148  -0.898  8.810   1.00 73.71  ? 249 MET A N   1 
ATOM   264 C CA  . MET A 1 46 ? 11.546  -1.193  9.103   1.00 73.74  ? 249 MET A CA  1 
ATOM   265 C C   . MET A 1 46 ? 12.337  -1.477  7.828   1.00 72.91  ? 249 MET A C   1 
ATOM   266 O O   . MET A 1 46 ? 13.459  -0.991  7.655   1.00 76.16  ? 249 MET A O   1 
ATOM   267 C CB  . MET A 1 46 ? 11.601  -2.405  10.012  1.00 78.87  ? 249 MET A CB  1 
ATOM   268 C CG  . MET A 1 46 ? 12.527  -2.361  11.175  1.00 76.79  ? 249 MET A CG  1 
ATOM   269 S SD  . MET A 1 46 ? 12.962  -4.095  11.363  1.00 105.48 ? 249 MET A SD  1 
ATOM   270 C CE  . MET A 1 46 ? 11.477  -4.834  12.022  1.00 82.63  ? 249 MET A CE  1 
ATOM   271 N N   . ARG A 1 47 ? 11.768  -2.281  6.927   1.00 72.02  ? 250 ARG A N   1 
ATOM   272 C CA  . ARG A 1 47 ? 12.483  -2.735  5.741   1.00 72.10  ? 250 ARG A CA  1 
ATOM   273 C C   . ARG A 1 47 ? 12.682  -1.626  4.720   1.00 74.91  ? 250 ARG A C   1 
ATOM   274 O O   . ARG A 1 47 ? 13.607  -1.716  3.901   1.00 85.15  ? 250 ARG A O   1 
ATOM   275 C CB  . ARG A 1 47 ? 11.726  -3.907  5.105   1.00 75.05  ? 250 ARG A CB  1 
ATOM   276 C CG  . ARG A 1 47 ? 11.585  -5.147  6.015   1.00 75.08  ? 250 ARG A CG  1 
ATOM   277 C CD  . ARG A 1 47 ? 11.122  -6.392  5.258   1.00 78.65  ? 250 ARG A CD  1 
ATOM   278 N NE  . ARG A 1 47 ? 10.554  -6.045  3.962   1.00 85.22  ? 250 ARG A NE  1 
ATOM   279 C CZ  . ARG A 1 47 ? 11.207  -6.127  2.811   1.00 86.38  ? 250 ARG A CZ  1 
ATOM   280 N NH1 . ARG A 1 47 ? 12.457  -6.570  2.754   1.00 86.31  ? 250 ARG A NH1 1 
ATOM   281 N NH2 . ARG A 1 47 ? 10.601  -5.725  1.698   1.00 88.98  ? 250 ARG A NH2 1 
ATOM   282 N N   . THR A 1 48 ? 11.842  -0.590  4.763   1.00 72.25  ? 251 THR A N   1 
ATOM   283 C CA  . THR A 1 48 ? 11.816  0.473   3.773   1.00 72.38  ? 251 THR A CA  1 
ATOM   284 C C   . THR A 1 48 ? 12.108  1.841   4.358   1.00 74.73  ? 251 THR A C   1 
ATOM   285 O O   . THR A 1 48 ? 12.101  2.829   3.612   1.00 76.69  ? 251 THR A O   1 
ATOM   286 C CB  . THR A 1 48 ? 10.449  0.529   3.071   1.00 74.78  ? 251 THR A CB  1 
ATOM   287 O OG1 . THR A 1 48 ? 9.459   1.017   3.988   1.00 67.79  ? 251 THR A OG1 1 
ATOM   288 C CG2 . THR A 1 48 ? 10.047  -0.825  2.530   1.00 69.25  ? 251 THR A CG2 1 
ATOM   289 N N   . ASP A 1 49 ? 12.325  1.936   5.665   1.00 72.72  ? 252 ASP A N   1 
ATOM   290 C CA  . ASP A 1 49 ? 12.695  3.194   6.313   1.00 79.49  ? 252 ASP A CA  1 
ATOM   291 C C   . ASP A 1 49 ? 11.581  4.243   6.197   1.00 76.43  ? 252 ASP A C   1 
ATOM   292 O O   . ASP A 1 49 ? 11.834  5.430   5.991   1.00 81.87  ? 252 ASP A O   1 
ATOM   293 C CB  . ASP A 1 49 ? 14.020  3.725   5.751   1.00 87.29  ? 252 ASP A CB  1 
ATOM   294 C CG  . ASP A 1 49 ? 14.591  4.887   6.565   1.00 100.50 ? 252 ASP A CG  1 
ATOM   295 O OD1 . ASP A 1 49 ? 14.118  5.121   7.706   1.00 99.23  ? 252 ASP A OD1 1 
ATOM   296 O OD2 . ASP A 1 49 ? 15.498  5.579   6.044   1.00 112.49 ? 252 ASP A OD2 1 
ATOM   297 N N   . LEU A 1 50 ? 10.333  3.810   6.324   1.00 72.78  ? 253 LEU A N   1 
ATOM   298 C CA  . LEU A 1 50 ? 9.226   4.739   6.479   1.00 71.29  ? 253 LEU A CA  1 
ATOM   299 C C   . LEU A 1 50 ? 8.747   4.707   7.919   1.00 67.23  ? 253 LEU A C   1 
ATOM   300 O O   . LEU A 1 50 ? 9.103   3.819   8.691   1.00 70.22  ? 253 LEU A O   1 
ATOM   301 C CB  . LEU A 1 50 ? 8.063   4.411   5.539   1.00 71.89  ? 253 LEU A CB  1 
ATOM   302 C CG  . LEU A 1 50 ? 8.384   4.334   4.052   1.00 74.20  ? 253 LEU A CG  1 
ATOM   303 C CD1 . LEU A 1 50 ? 7.407   3.429   3.329   1.00 65.71  ? 253 LEU A CD1 1 
ATOM   304 C CD2 . LEU A 1 50 ? 8.342   5.740   3.483   1.00 70.15  ? 253 LEU A CD2 1 
ATOM   305 N N   . THR A 1 51 ? 7.944   5.693   8.286   1.00 66.63  ? 254 THR A N   1 
ATOM   306 C CA  . THR A 1 51 ? 7.322   5.597   9.591   1.00 63.62  ? 254 THR A CA  1 
ATOM   307 C C   . THR A 1 51 ? 6.069   4.736   9.480   1.00 63.89  ? 254 THR A C   1 
ATOM   308 O O   . THR A 1 51 ? 5.482   4.581   8.400   1.00 65.14  ? 254 THR A O   1 
ATOM   309 C CB  . THR A 1 51 ? 6.963   6.978   10.141  1.00 61.96  ? 254 THR A CB  1 
ATOM   310 O OG1 . THR A 1 51 ? 5.925   7.564   9.352   1.00 59.22  ? 254 THR A OG1 1 
ATOM   311 C CG2 . THR A 1 51 ? 8.172   7.896   10.095  1.00 61.36  ? 254 THR A CG2 1 
ATOM   312 N N   . GLU A 1 52 ? 5.658   4.167   10.610  1.00 57.23  ? 255 GLU A N   1 
ATOM   313 C CA  . GLU A 1 52 ? 4.415   3.410   10.606  1.00 61.68  ? 255 GLU A CA  1 
ATOM   314 C C   . GLU A 1 52 ? 3.258   4.274   10.102  1.00 62.41  ? 255 GLU A C   1 
ATOM   315 O O   . GLU A 1 52 ? 2.476   3.838   9.250   1.00 63.90  ? 255 GLU A O   1 
ATOM   316 C CB  . GLU A 1 52 ? 4.128   2.846   12.002  1.00 57.75  ? 255 GLU A CB  1 
ATOM   317 C CG  . GLU A 1 52 ? 4.736   1.441   12.218  1.00 65.20  ? 255 GLU A CG  1 
ATOM   318 C CD  . GLU A 1 52 ? 4.815   1.030   13.701  1.00 70.92  ? 255 GLU A CD  1 
ATOM   319 O OE1 . GLU A 1 52 ? 3.768   0.557   14.202  1.00 62.80  ? 255 GLU A OE1 1 
ATOM   320 O OE2 . GLU A 1 52 ? 5.901   1.169   14.354  1.00 65.18  ? 255 GLU A OE2 1 
ATOM   321 N N   . ALA A 1 53 ? 3.174   5.526   10.562  1.00 64.13  ? 256 ALA A N   1 
ATOM   322 C CA  . ALA A 1 53 ? 2.057   6.383   10.169  1.00 61.94  ? 256 ALA A CA  1 
ATOM   323 C C   . ALA A 1 53 ? 1.994   6.568   8.659   1.00 63.43  ? 256 ALA A C   1 
ATOM   324 O O   . ALA A 1 53 ? 0.903   6.576   8.076   1.00 65.47  ? 256 ALA A O   1 
ATOM   325 C CB  . ALA A 1 53 ? 2.152   7.740   10.868  1.00 52.19  ? 256 ALA A CB  1 
ATOM   326 N N   . ARG A 1 54 ? 3.147   6.713   8.000   1.00 60.09  ? 257 ARG A N   1 
ATOM   327 C CA  . ARG A 1 54 ? 3.118   6.885   6.552   1.00 63.70  ? 257 ARG A CA  1 
ATOM   328 C C   . ARG A 1 54 ? 2.728   5.594   5.835   1.00 62.11  ? 257 ARG A C   1 
ATOM   329 O O   . ARG A 1 54 ? 2.096   5.640   4.770   1.00 61.98  ? 257 ARG A O   1 
ATOM   330 C CB  . ARG A 1 54 ? 4.469   7.401   6.060   1.00 68.22  ? 257 ARG A CB  1 
ATOM   331 C CG  . ARG A 1 54 ? 4.508   8.915   5.952   1.00 72.89  ? 257 ARG A CG  1 
ATOM   332 C CD  . ARG A 1 54 ? 4.923   9.345   4.569   1.00 79.03  ? 257 ARG A CD  1 
ATOM   333 N NE  . ARG A 1 54 ? 6.375   9.300   4.475   1.00 85.91  ? 257 ARG A NE  1 
ATOM   334 C CZ  . ARG A 1 54 ? 7.054   9.383   3.341   1.00 88.13  ? 257 ARG A CZ  1 
ATOM   335 N NH1 . ARG A 1 54 ? 6.439   9.562   2.180   1.00 85.03  ? 257 ARG A NH1 1 
ATOM   336 N NH2 . ARG A 1 54 ? 8.380   9.280   3.375   1.00 83.29  ? 257 ARG A NH2 1 
ATOM   337 N N   . VAL A 1 55 ? 3.111   4.440   6.386   1.00 57.94  ? 258 VAL A N   1 
ATOM   338 C CA  . VAL A 1 55 ? 2.655   3.170   5.838   1.00 56.25  ? 258 VAL A CA  1 
ATOM   339 C C   . VAL A 1 55 ? 1.140   3.062   5.969   1.00 59.64  ? 258 VAL A C   1 
ATOM   340 O O   . VAL A 1 55 ? 0.430   2.799   4.988   1.00 56.12  ? 258 VAL A O   1 
ATOM   341 C CB  . VAL A 1 55 ? 3.379   2.002   6.531   1.00 63.14  ? 258 VAL A CB  1 
ATOM   342 C CG1 . VAL A 1 55 ? 2.858   0.659   6.037   1.00 52.24  ? 258 VAL A CG1 1 
ATOM   343 C CG2 . VAL A 1 55 ? 4.889   2.105   6.316   1.00 56.60  ? 258 VAL A CG2 1 
ATOM   344 N N   . GLN A 1 56 ? 0.619   3.324   7.174   1.00 61.41  ? 259 GLN A N   1 
ATOM   345 C CA  . GLN A 1 56 ? -0.816  3.211   7.417   1.00 60.75  ? 259 GLN A CA  1 
ATOM   346 C C   . GLN A 1 56 ? -1.611  4.058   6.426   1.00 63.68  ? 259 GLN A C   1 
ATOM   347 O O   . GLN A 1 56 ? -2.539  3.560   5.774   1.00 61.94  ? 259 GLN A O   1 
ATOM   348 C CB  . GLN A 1 56 ? -1.121  3.598   8.863   1.00 60.74  ? 259 GLN A CB  1 
ATOM   349 C CG  . GLN A 1 56 ? -2.587  3.879   9.153   1.00 71.23  ? 259 GLN A CG  1 
ATOM   350 C CD  . GLN A 1 56 ? -2.929  3.727   10.636  1.00 80.64  ? 259 GLN A CD  1 
ATOM   351 O OE1 . GLN A 1 56 ? -3.343  2.647   11.064  1.00 83.20  ? 259 GLN A OE1 1 
ATOM   352 N NE2 . GLN A 1 56 ? -2.773  4.800   11.420  1.00 86.77  ? 259 GLN A NE2 1 
ATOM   353 N N   . VAL A 1 57 ? -1.219  5.328   6.259   1.00 61.19  ? 260 VAL A N   1 
ATOM   354 C CA  . VAL A 1 57 ? -1.897  6.211   5.317   1.00 59.95  ? 260 VAL A CA  1 
ATOM   355 C C   . VAL A 1 57 ? -1.756  5.682   3.901   1.00 60.51  ? 260 VAL A C   1 
ATOM   356 O O   . VAL A 1 57 ? -2.720  5.679   3.125   1.00 63.81  ? 260 VAL A O   1 
ATOM   357 C CB  . VAL A 1 57 ? -1.364  7.654   5.441   1.00 64.19  ? 260 VAL A CB  1 
ATOM   358 C CG1 . VAL A 1 57 ? -1.718  8.457   4.216   1.00 54.58  ? 260 VAL A CG1 1 
ATOM   359 C CG2 . VAL A 1 57 ? -1.997  8.332   6.653   1.00 59.80  ? 260 VAL A CG2 1 
ATOM   360 N N   . TRP A 1 58 ? -0.572  5.201   3.542   1.00 59.21  ? 261 TRP A N   1 
ATOM   361 C CA  . TRP A 1 58 ? -0.407  4.688   2.192   1.00 60.19  ? 261 TRP A CA  1 
ATOM   362 C C   . TRP A 1 58 ? -1.365  3.531   1.917   1.00 63.07  ? 261 TRP A C   1 
ATOM   363 O O   . TRP A 1 58 ? -1.886  3.405   0.807   1.00 65.37  ? 261 TRP A O   1 
ATOM   364 C CB  . TRP A 1 58 ? 1.028   4.253   1.960   1.00 58.65  ? 261 TRP A CB  1 
ATOM   365 C CG  . TRP A 1 58 ? 1.256   3.852   0.535   1.00 61.25  ? 261 TRP A CG  1 
ATOM   366 C CD1 . TRP A 1 58 ? 1.734   4.644   -0.463  1.00 59.32  ? 261 TRP A CD1 1 
ATOM   367 C CD2 . TRP A 1 58 ? 1.015   2.563   -0.057  1.00 62.72  ? 261 TRP A CD2 1 
ATOM   368 N NE1 . TRP A 1 58 ? 1.823   3.931   -1.631  1.00 57.89  ? 261 TRP A NE1 1 
ATOM   369 C CE2 . TRP A 1 58 ? 1.384   2.654   -1.417  1.00 62.15  ? 261 TRP A CE2 1 
ATOM   370 C CE3 . TRP A 1 58 ? 0.532   1.343   0.432   1.00 59.84  ? 261 TRP A CE3 1 
ATOM   371 C CZ2 . TRP A 1 58 ? 1.282   1.575   -2.300  1.00 63.17  ? 261 TRP A CZ2 1 
ATOM   372 C CZ3 . TRP A 1 58 ? 0.420   0.265   -0.453  1.00 61.55  ? 261 TRP A CZ3 1 
ATOM   373 C CH2 . TRP A 1 58 ? 0.797   0.389   -1.802  1.00 62.98  ? 261 TRP A CH2 1 
ATOM   374 N N   . PHE A 1 59 ? -1.625  2.685   2.912   1.00 63.69  ? 262 PHE A N   1 
ATOM   375 C CA  . PHE A 1 59 ? -2.559  1.590   2.682   1.00 61.87  ? 262 PHE A CA  1 
ATOM   376 C C   . PHE A 1 59 ? -4.008  2.061   2.702   1.00 57.99  ? 262 PHE A C   1 
ATOM   377 O O   . PHE A 1 59 ? -4.857  1.472   2.029   1.00 57.91  ? 262 PHE A O   1 
ATOM   378 C CB  . PHE A 1 59 ? -2.332  0.476   3.707   1.00 56.93  ? 262 PHE A CB  1 
ATOM   379 C CG  . PHE A 1 59 ? -1.315  -0.529  3.265   1.00 58.05  ? 262 PHE A CG  1 
ATOM   380 C CD1 . PHE A 1 59 ? -1.655  -1.527  2.367   1.00 57.29  ? 262 PHE A CD1 1 
ATOM   381 C CD2 . PHE A 1 59 ? -0.010  -0.454  3.714   1.00 52.56  ? 262 PHE A CD2 1 
ATOM   382 C CE1 . PHE A 1 59 ? -0.719  -2.457  1.941   1.00 53.86  ? 262 PHE A CE1 1 
ATOM   383 C CE2 . PHE A 1 59 ? 0.929   -1.365  3.290   1.00 57.25  ? 262 PHE A CE2 1 
ATOM   384 C CZ  . PHE A 1 59 ? 0.572   -2.376  2.396   1.00 57.20  ? 262 PHE A CZ  1 
ATOM   385 N N   . GLN A 1 60 ? -4.322  3.122   3.434   1.00 58.57  ? 263 GLN A N   1 
ATOM   386 C CA  . GLN A 1 60 ? -5.655  3.694   3.277   1.00 64.86  ? 263 GLN A CA  1 
ATOM   387 C C   . GLN A 1 60 ? -5.836  4.264   1.869   1.00 64.03  ? 263 GLN A C   1 
ATOM   388 O O   . GLN A 1 60 ? -6.872  4.047   1.230   1.00 64.80  ? 263 GLN A O   1 
ATOM   389 C CB  . GLN A 1 60 ? -5.888  4.750   4.353   1.00 62.75  ? 263 GLN A CB  1 
ATOM   390 C CG  . GLN A 1 60 ? -5.997  4.150   5.754   1.00 66.85  ? 263 GLN A CG  1 
ATOM   391 C CD  . GLN A 1 60 ? -5.827  5.196   6.829   1.00 59.88  ? 263 GLN A CD  1 
ATOM   392 O OE1 . GLN A 1 60 ? -5.466  6.335   6.540   1.00 64.02  ? 263 GLN A OE1 1 
ATOM   393 N NE2 . GLN A 1 60 ? -6.057  4.812   8.069   1.00 58.04  ? 263 GLN A NE2 1 
ATOM   394 N N   . ASN A 1 61 ? -4.808  4.937   1.355   1.00 59.93  ? 264 ASN A N   1 
ATOM   395 C CA  . ASN A 1 61 ? -4.840  5.494   0.008   1.00 64.55  ? 264 ASN A CA  1 
ATOM   396 C C   . ASN A 1 61 ? -4.925  4.393   -1.044  1.00 65.98  ? 264 ASN A C   1 
ATOM   397 O O   . ASN A 1 61 ? -5.700  4.499   -2.008  1.00 63.84  ? 264 ASN A O   1 
ATOM   398 C CB  . ASN A 1 61 ? -3.578  6.341   -0.196  1.00 64.42  ? 264 ASN A CB  1 
ATOM   399 C CG  . ASN A 1 61 ? -3.642  7.689   0.525   1.00 62.33  ? 264 ASN A CG  1 
ATOM   400 O OD1 . ASN A 1 61 ? -4.655  8.041   1.134   1.00 58.97  ? 264 ASN A OD1 1 
ATOM   401 N ND2 . ASN A 1 61 ? -2.500  8.380   0.576   1.00 68.55  ? 264 ASN A ND2 1 
ATOM   402 N N   . ARG A 1 62 ? -4.136  3.324   -0.877  1.00 61.49  ? 265 ARG A N   1 
ATOM   403 C CA  . ARG A 1 62 ? -4.092  2.277   -1.891  1.00 57.83  ? 265 ARG A CA  1 
ATOM   404 C C   . ARG A 1 62 ? -5.372  1.448   -1.879  1.00 60.55  ? 265 ARG A C   1 
ATOM   405 O O   . ARG A 1 62 ? -5.808  0.964   -2.929  1.00 61.75  ? 265 ARG A O   1 
ATOM   406 C CB  . ARG A 1 62 ? -2.852  1.401   -1.677  1.00 57.93  ? 265 ARG A CB  1 
ATOM   407 C CG  . ARG A 1 62 ? -2.651  0.265   -2.681  1.00 60.67  ? 265 ARG A CG  1 
ATOM   408 C CD  . ARG A 1 62 ? -2.250  0.764   -4.069  1.00 60.87  ? 265 ARG A CD  1 
ATOM   409 N NE  . ARG A 1 62 ? -2.254  -0.321  -5.046  1.00 65.20  ? 265 ARG A NE  1 
ATOM   410 C CZ  . ARG A 1 62 ? -3.322  -0.707  -5.736  1.00 68.95  ? 265 ARG A CZ  1 
ATOM   411 N NH1 . ARG A 1 62 ? -4.496  -0.104  -5.601  1.00 62.78  ? 265 ARG A NH1 1 
ATOM   412 N NH2 . ARG A 1 62 ? -3.212  -1.729  -6.579  1.00 66.46  ? 265 ARG A NH2 1 
ATOM   413 N N   . ARG A 1 63 ? -6.002  1.290   -0.713  1.00 62.61  ? 266 ARG A N   1 
ATOM   414 C CA  . ARG A 1 63 ? -7.300  0.624   -0.679  1.00 61.61  ? 266 ARG A CA  1 
ATOM   415 C C   . ARG A 1 63 ? -8.355  1.453   -1.395  1.00 62.55  ? 266 ARG A C   1 
ATOM   416 O O   . ARG A 1 63 ? -9.212  0.903   -2.093  1.00 63.29  ? 266 ARG A O   1 
ATOM   417 C CB  . ARG A 1 63 ? -7.729  0.360   0.763   1.00 58.99  ? 266 ARG A CB  1 
ATOM   418 C CG  . ARG A 1 63 ? -7.215  -0.934  1.341   1.00 59.38  ? 266 ARG A CG  1 
ATOM   419 C CD  . ARG A 1 63 ? -7.953  -1.291  2.630   1.00 60.14  ? 266 ARG A CD  1 
ATOM   420 N NE  . ARG A 1 63 ? -7.704  -0.349  3.716   1.00 60.08  ? 266 ARG A NE  1 
ATOM   421 C CZ  . ARG A 1 63 ? -6.611  -0.360  4.474   1.00 62.16  ? 266 ARG A CZ  1 
ATOM   422 N NH1 . ARG A 1 63 ? -5.634  -1.222  4.257   1.00 57.09  ? 266 ARG A NH1 1 
ATOM   423 N NH2 . ARG A 1 63 ? -6.494  0.523   5.468   1.00 58.96  ? 266 ARG A NH2 1 
ATOM   424 N N   . ALA A 1 64 ? -8.327  2.779   -1.222  1.00 61.89  ? 267 ALA A N   1 
ATOM   425 C CA  . ALA A 1 64 ? -9.333  3.606   -1.883  1.00 65.75  ? 267 ALA A CA  1 
ATOM   426 C C   . ALA A 1 64 ? -9.092  3.687   -3.387  1.00 68.14  ? 267 ALA A C   1 
ATOM   427 O O   . ALA A 1 64 ? -10.048 3.893   -4.151  1.00 66.20  ? 267 ALA A O   1 
ATOM   428 C CB  . ALA A 1 64 ? -9.375  5.013   -1.273  1.00 57.18  ? 267 ALA A CB  1 
ATOM   429 N N   . LYS A 1 65 ? -7.834  3.529   -3.832  1.00 61.04  ? 268 LYS A N   1 
ATOM   430 C CA  . LYS A 1 65 ? -7.569  3.438   -5.268  1.00 63.28  ? 268 LYS A CA  1 
ATOM   431 C C   . LYS A 1 65 ? -8.141  2.144   -5.849  1.00 65.71  ? 268 LYS A C   1 
ATOM   432 O O   . LYS A 1 65 ? -8.758  2.149   -6.924  1.00 65.33  ? 268 LYS A O   1 
ATOM   433 C CB  . LYS A 1 65 ? -6.059  3.548   -5.519  1.00 60.09  ? 268 LYS A CB  1 
ATOM   434 C CG  . LYS A 1 65 ? -5.604  3.255   -6.946  1.00 69.11  ? 268 LYS A CG  1 
ATOM   435 C CD  . LYS A 1 65 ? -4.115  3.583   -7.171  1.00 73.51  ? 268 LYS A CD  1 
ATOM   436 C CE  . LYS A 1 65 ? -3.697  3.360   -8.629  1.00 68.66  ? 268 LYS A CE  1 
ATOM   437 N NZ  . LYS A 1 65 ? -3.188  1.979   -8.857  1.00 72.52  ? 268 LYS A NZ  1 
ATOM   438 N N   . TRP A 1 66 ? -7.953  1.030   -5.137  1.00 65.87  ? 269 TRP A N   1 
ATOM   439 C CA  . TRP A 1 66 ? -8.518  -0.251  -5.550  1.00 65.26  ? 269 TRP A CA  1 
ATOM   440 C C   . TRP A 1 66 ? -10.033 -0.170  -5.688  1.00 69.19  ? 269 TRP A C   1 
ATOM   441 O O   . TRP A 1 66 ? -10.627 -0.785  -6.581  1.00 70.27  ? 269 TRP A O   1 
ATOM   442 C CB  . TRP A 1 66 ? -8.111  -1.313  -4.528  1.00 62.87  ? 269 TRP A CB  1 
ATOM   443 C CG  . TRP A 1 66 ? -8.960  -2.561  -4.439  1.00 70.34  ? 269 TRP A CG  1 
ATOM   444 C CD1 . TRP A 1 66 ? -9.255  -3.439  -5.442  1.00 72.30  ? 269 TRP A CD1 1 
ATOM   445 C CD2 . TRP A 1 66 ? -9.581  -3.084  -3.251  1.00 72.61  ? 269 TRP A CD2 1 
ATOM   446 N NE1 . TRP A 1 66 ? -10.025 -4.474  -4.956  1.00 73.58  ? 269 TRP A NE1 1 
ATOM   447 C CE2 . TRP A 1 66 ? -10.244 -4.273  -3.614  1.00 75.72  ? 269 TRP A CE2 1 
ATOM   448 C CE3 . TRP A 1 66 ? -9.645  -2.654  -1.916  1.00 70.55  ? 269 TRP A CE3 1 
ATOM   449 C CZ2 . TRP A 1 66 ? -10.970 -5.044  -2.686  1.00 74.48  ? 269 TRP A CZ2 1 
ATOM   450 C CZ3 . TRP A 1 66 ? -10.359 -3.426  -0.992  1.00 73.79  ? 269 TRP A CZ3 1 
ATOM   451 C CH2 . TRP A 1 66 ? -11.013 -4.605  -1.386  1.00 67.77  ? 269 TRP A CH2 1 
ATOM   452 N N   . ARG A 1 67 ? -10.672 0.596   -4.828  1.00 65.65  ? 270 ARG A N   1 
ATOM   453 C CA  . ARG A 1 67 ? -12.116 0.654   -4.844  1.00 67.27  ? 270 ARG A CA  1 
ATOM   454 C C   . ARG A 1 67 ? -12.649 1.679   -5.836  1.00 69.60  ? 270 ARG A C   1 
ATOM   455 O O   . ARG A 1 67 ? -13.715 1.457   -6.421  1.00 71.61  ? 270 ARG A O   1 
ATOM   456 C CB  . ARG A 1 67 ? -12.617 0.922   -3.429  1.00 67.94  ? 270 ARG A CB  1 
ATOM   457 C CG  . ARG A 1 67 ? -12.495 -0.324  -2.580  1.00 73.60  ? 270 ARG A CG  1 
ATOM   458 C CD  . ARG A 1 67 ? -13.477 -0.272  -1.477  1.00 77.07  ? 270 ARG A CD  1 
ATOM   459 N NE  . ARG A 1 67 ? -13.454 -1.454  -0.612  1.00 79.97  ? 270 ARG A NE  1 
ATOM   460 C CZ  . ARG A 1 67 ? -13.873 -2.673  -0.949  1.00 74.27  ? 270 ARG A CZ  1 
ATOM   461 N NH1 . ARG A 1 67 ? -14.258 -2.964  -2.175  1.00 82.03  ? 270 ARG A NH1 1 
ATOM   462 N NH2 . ARG A 1 67 ? -13.961 -3.609  -0.009  1.00 72.36  ? 270 ARG A NH2 1 
ATOM   463 N N   . LYS A 1 68 ? -11.913 2.768   -6.081  1.00 66.94  ? 271 LYS A N   1 
ATOM   464 C CA  . LYS A 1 68 ? -12.235 3.627   -7.217  1.00 69.18  ? 271 LYS A CA  1 
ATOM   465 C C   . LYS A 1 68 ? -12.177 2.839   -8.529  1.00 68.96  ? 271 LYS A C   1 
ATOM   466 O O   . LYS A 1 68 ? -13.011 3.045   -9.420  1.00 72.84  ? 271 LYS A O   1 
ATOM   467 C CB  . LYS A 1 68 ? -11.287 4.835   -7.252  1.00 66.63  ? 271 LYS A CB  1 
ATOM   468 C CG  . LYS A 1 68 ? -11.605 5.894   -8.310  1.00 70.66  ? 271 LYS A CG  1 
ATOM   469 C CD  . LYS A 1 68 ? -10.415 6.866   -8.522  1.00 83.77  ? 271 LYS A CD  1 
ATOM   470 C CE  . LYS A 1 68 ? -10.734 8.329   -8.209  1.00 85.84  ? 271 LYS A CE  1 
ATOM   471 N NZ  . LYS A 1 68 ? -11.747 8.932   -9.125  1.00 87.67  ? 271 LYS A NZ  1 
ATOM   472 N N   . ARG A 1 69 ? -11.228 1.899   -8.653  1.00 65.19  ? 272 ARG A N   1 
ATOM   473 C CA  . ARG A 1 69 ? -11.091 1.124   -9.890  1.00 69.18  ? 272 ARG A CA  1 
ATOM   474 C C   . ARG A 1 69 ? -12.147 0.018   -9.999  1.00 71.56  ? 272 ARG A C   1 
ATOM   475 O O   . ARG A 1 69 ? -12.605 -0.297  -11.109 1.00 68.58  ? 272 ARG A O   1 
ATOM   476 C CB  . ARG A 1 69 ? -9.659  0.566   -9.992  1.00 67.31  ? 272 ARG A CB  1 
ATOM   477 C CG  . ARG A 1 69 ? -9.471  -0.658  -10.893 1.00 72.14  ? 272 ARG A CG  1 
ATOM   478 C CD  . ARG A 1 69 ? -9.499  -1.958  -10.084 1.00 81.34  ? 272 ARG A CD  1 
ATOM   479 N NE  . ARG A 1 69 ? -9.904  -3.101  -10.898 1.00 84.77  ? 272 ARG A NE  1 
ATOM   480 C CZ  . ARG A 1 69 ? -10.084 -4.336  -10.444 1.00 93.62  ? 272 ARG A CZ  1 
ATOM   481 N NH1 . ARG A 1 69 ? -9.742  -4.682  -9.206  1.00 89.46  ? 272 ARG A NH1 1 
ATOM   482 N NH2 . ARG A 1 69 ? -10.669 -5.234  -11.234 1.00 95.27  ? 272 ARG A NH2 1 
ATOM   483 N N   . GLU A 1 70 ? -12.549 -0.566  -8.870  1.00 69.40  ? 273 GLU A N   1 
ATOM   484 C CA  . GLU A 1 70 ? -13.662 -1.505  -8.847  1.00 68.99  ? 273 GLU A CA  1 
ATOM   485 C C   . GLU A 1 70 ? -14.993 -0.844  -9.171  1.00 68.88  ? 273 GLU A C   1 
ATOM   486 O O   . GLU A 1 70 ? -15.913 -1.532  -9.615  1.00 64.87  ? 273 GLU A O   1 
ATOM   487 C CB  . GLU A 1 70 ? -13.780 -2.139  -7.470  1.00 67.72  ? 273 GLU A CB  1 
ATOM   488 C CG  . GLU A 1 70 ? -13.668 -3.621  -7.401  1.00 73.10  ? 273 GLU A CG  1 
ATOM   489 C CD  . GLU A 1 70 ? -13.653 -4.090  -5.958  1.00 82.50  ? 273 GLU A CD  1 
ATOM   490 O OE1 . GLU A 1 70 ? -14.383 -3.473  -5.137  1.00 83.83  ? 273 GLU A OE1 1 
ATOM   491 O OE2 . GLU A 1 70 ? -12.955 -5.085  -5.654  1.00 83.32  ? 273 GLU A OE2 1 
ATOM   492 N N   . ARG A 1 71 ? -15.123 0.465   -8.933  1.00 68.35  ? 274 ARG A N   1 
ATOM   493 C CA  . ARG A 1 71 ? -16.426 1.113   -9.042  1.00 67.39  ? 274 ARG A CA  1 
ATOM   494 C C   . ARG A 1 71 ? -16.944 1.122   -10.474 1.00 68.59  ? 274 ARG A C   1 
ATOM   495 O O   . ARG A 1 71 ? -18.160 1.107   -10.685 1.00 66.24  ? 274 ARG A O   1 
ATOM   496 C CB  . ARG A 1 71 ? -16.352 2.544   -8.502  1.00 70.94  ? 274 ARG A CB  1 
ATOM   497 C CG  . ARG A 1 71 ? -17.694 3.134   -8.136  1.00 72.27  ? 274 ARG A CG  1 
ATOM   498 C CD  . ARG A 1 71 ? -17.559 4.417   -7.334  1.00 81.84  ? 274 ARG A CD  1 
ATOM   499 N NE  . ARG A 1 71 ? -18.032 5.578   -8.079  1.00 93.23  ? 274 ARG A NE  1 
ATOM   500 C CZ  . ARG A 1 71 ? -18.742 6.565   -7.545  1.00 93.10  ? 274 ARG A CZ  1 
ATOM   501 N NH1 . ARG A 1 71 ? -19.043 6.579   -6.255  1.00 86.78  ? 274 ARG A NH1 1 
ATOM   502 N NH2 . ARG A 1 71 ? -19.171 7.556   -8.325  1.00 93.14  ? 274 ARG A NH2 1 
ATOM   503 N N   . TRP A 1 72 ? -16.055 1.170   -11.463 1.00 67.62  ? 275 TRP A N   1 
ATOM   504 C CA  . TRP A 1 72 ? -16.457 1.095   -12.864 1.00 70.76  ? 275 TRP A CA  1 
ATOM   505 C C   . TRP A 1 72 ? -15.802 -0.095  -13.573 1.00 65.84  ? 275 TRP A C   1 
ATOM   506 O O   . TRP A 1 72 ? -15.626 -0.093  -14.792 1.00 68.68  ? 275 TRP A O   1 
ATOM   507 C CB  . TRP A 1 72 ? -16.147 2.400   -13.598 1.00 72.71  ? 275 TRP A CB  1 
ATOM   508 C CG  . TRP A 1 72 ? -14.671 2.755   -13.685 1.00 83.64  ? 275 TRP A CG  1 
ATOM   509 C CD1 . TRP A 1 72 ? -13.795 2.965   -12.638 1.00 84.52  ? 275 TRP A CD1 1 
ATOM   510 C CD2 . TRP A 1 72 ? -13.895 2.914   -14.891 1.00 88.70  ? 275 TRP A CD2 1 
ATOM   511 N NE1 . TRP A 1 72 ? -12.534 3.266   -13.125 1.00 82.74  ? 275 TRP A NE1 1 
ATOM   512 C CE2 . TRP A 1 72 ? -12.568 3.237   -14.497 1.00 91.25  ? 275 TRP A CE2 1 
ATOM   513 C CE3 . TRP A 1 72 ? -14.194 2.822   -16.263 1.00 81.59  ? 275 TRP A CE3 1 
ATOM   514 C CZ2 . TRP A 1 72 ? -11.548 3.468   -15.432 1.00 90.43  ? 275 TRP A CZ2 1 
ATOM   515 C CZ3 . TRP A 1 72 ? -13.176 3.051   -17.185 1.00 86.41  ? 275 TRP A CZ3 1 
ATOM   516 C CH2 . TRP A 1 72 ? -11.872 3.370   -16.764 1.00 88.94  ? 275 TRP A CH2 1 
ATOM   517 N N   . SER A 1 73 ? -15.419 -1.109  -12.809 1.00 64.36  ? 276 SER A N   1 
ATOM   518 C CA  . SER A 1 73 ? -14.905 -2.338  -13.382 1.00 60.93  ? 276 SER A CA  1 
ATOM   519 C C   . SER A 1 73 ? -15.921 -2.920  -14.372 1.00 67.92  ? 276 SER A C   1 
ATOM   520 O O   . SER A 1 73 ? -17.143 -2.867  -14.147 1.00 58.96  ? 276 SER A O   1 
ATOM   521 C CB  . SER A 1 73 ? -14.595 -3.304  -12.232 1.00 60.03  ? 276 SER A CB  1 
ATOM   522 O OG  . SER A 1 73 ? -13.995 -4.505  -12.665 1.00 73.44  ? 276 SER A OG  1 
ATOM   523 N N   . HIS A 1 74 ? -15.417 -3.430  -15.499 1.00 62.87  ? 277 HIS A N   1 
ATOM   524 C CA  . HIS A 1 74 ? -16.252 -4.017  -16.546 1.00 66.80  ? 277 HIS A CA  1 
ATOM   525 C C   . HIS A 1 74 ? -15.467 -5.129  -17.227 1.00 68.53  ? 277 HIS A C   1 
ATOM   526 O O   . HIS A 1 74 ? -14.230 -5.094  -17.225 1.00 74.93  ? 277 HIS A O   1 
ATOM   527 C CB  . HIS A 1 74 ? -16.703 -2.962  -17.576 1.00 64.23  ? 277 HIS A CB  1 
ATOM   528 C CG  . HIS A 1 74 ? -15.577 -2.186  -18.174 1.00 68.40  ? 277 HIS A CG  1 
ATOM   529 N ND1 . HIS A 1 74 ? -15.090 -1.027  -17.606 1.00 72.63  ? 277 HIS A ND1 1 
ATOM   530 C CD2 . HIS A 1 74 ? -14.823 -2.412  -19.276 1.00 68.27  ? 277 HIS A CD2 1 
ATOM   531 C CE1 . HIS A 1 74 ? -14.089 -0.568  -18.338 1.00 76.37  ? 277 HIS A CE1 1 
ATOM   532 N NE2 . HIS A 1 74 ? -13.909 -1.389  -19.359 1.00 75.03  ? 277 HIS A NE2 1 
ATOM   533 N N   . PRO A 1 75 ? -16.142 -6.125  -17.817 1.00 72.00  ? 278 PRO A N   1 
ATOM   534 C CA  . PRO A 1 75 ? -15.405 -7.221  -18.470 1.00 78.49  ? 278 PRO A CA  1 
ATOM   535 C C   . PRO A 1 75 ? -14.656 -6.691  -19.684 1.00 76.81  ? 278 PRO A C   1 
ATOM   536 O O   . PRO A 1 75 ? -15.191 -5.890  -20.449 1.00 77.67  ? 278 PRO A O   1 
ATOM   537 C CB  . PRO A 1 75 ? -16.513 -8.202  -18.880 1.00 72.11  ? 278 PRO A CB  1 
ATOM   538 C CG  . PRO A 1 75 ? -17.788 -7.681  -18.225 1.00 64.56  ? 278 PRO A CG  1 
ATOM   539 C CD  . PRO A 1 75 ? -17.593 -6.222  -18.080 1.00 62.60  ? 278 PRO A CD  1 
ATOM   540 N N   . GLN A 1 76 ? -13.410 -7.132  -19.868 1.00 84.57  ? 279 GLN A N   1 
ATOM   541 C CA  . GLN A 1 76 ? -12.542 -6.507  -20.862 1.00 98.34  ? 279 GLN A CA  1 
ATOM   542 C C   . GLN A 1 76 ? -12.578 -7.246  -22.198 1.00 107.91 ? 279 GLN A C   1 
ATOM   543 O O   . GLN A 1 76 ? -12.792 -8.464  -22.267 1.00 107.62 ? 279 GLN A O   1 
ATOM   544 C CB  . GLN A 1 76 ? -11.095 -6.399  -20.372 1.00 101.33 ? 279 GLN A CB  1 
ATOM   545 C CG  . GLN A 1 76 ? -10.352 -7.713  -20.266 1.00 104.13 ? 279 GLN A CG  1 
ATOM   546 C CD  . GLN A 1 76 ? -10.655 -8.459  -18.983 1.00 102.85 ? 279 GLN A CD  1 
ATOM   547 O OE1 . GLN A 1 76 ? -11.562 -8.097  -18.226 1.00 103.60 ? 279 GLN A OE1 1 
ATOM   548 N NE2 . GLN A 1 76 ? -9.860  -9.482  -18.706 1.00 103.47 ? 279 GLN A NE2 1 
ATOM   549 N N   . PHE A 1 77 ? -12.341 -6.483  -23.263 1.00 104.47 ? 280 PHE A N   1 
ATOM   550 C CA  . PHE A 1 77 ? -12.682 -6.891  -24.620 1.00 105.58 ? 280 PHE A CA  1 
ATOM   551 C C   . PHE A 1 77 ? -11.456 -7.337  -25.429 1.00 101.28 ? 280 PHE A C   1 
ATOM   552 O O   . PHE A 1 77 ? -10.448 -7.776  -24.868 1.00 98.66  ? 280 PHE A O   1 
ATOM   553 C CB  . PHE A 1 77 ? -13.406 -5.736  -25.332 1.00 100.10 ? 280 PHE A CB  1 
HETATM 554 C C1  . EDO B 2 .  ? 16.948  -0.295  -2.692  0.88 97.71  ? 301 EDO A C1  1 
HETATM 555 O O1  . EDO B 2 .  ? 16.893  0.858   -3.521  0.88 98.26  ? 301 EDO A O1  1 
HETATM 556 C C2  . EDO B 2 .  ? 16.940  -1.573  -3.511  0.88 96.97  ? 301 EDO A C2  1 
HETATM 557 O O2  . EDO B 2 .  ? 16.827  -2.714  -2.679  0.88 90.41  ? 301 EDO A O2  1 
HETATM 558 C C1  . EDO C 2 .  ? -7.129  -9.433  -0.354  1.00 82.23  ? 302 EDO A C1  1 
HETATM 559 O O1  . EDO C 2 .  ? -6.889  -8.631  0.790   1.00 74.27  ? 302 EDO A O1  1 
HETATM 560 C C2  . EDO C 2 .  ? -5.836  -9.776  -1.065  1.00 76.48  ? 302 EDO A C2  1 
HETATM 561 O O2  . EDO C 2 .  ? -6.098  -10.654 -2.136  1.00 86.35  ? 302 EDO A O2  1 
HETATM 562 C C1  . EDO D 2 .  ? -5.872  -3.665  -6.859  1.00 74.78  ? 303 EDO A C1  1 
HETATM 563 O O1  . EDO D 2 .  ? -6.528  -4.910  -6.683  1.00 79.12  ? 303 EDO A O1  1 
HETATM 564 C C2  . EDO D 2 .  ? -6.577  -2.813  -7.895  1.00 74.63  ? 303 EDO A C2  1 
HETATM 565 O O2  . EDO D 2 .  ? -6.389  -1.434  -7.647  1.00 67.98  ? 303 EDO A O2  1 
HETATM 566 C C1  . EDO E 2 .  ? -4.133  0.616   7.649   1.00 65.57  ? 304 EDO A C1  1 
HETATM 567 O O1  . EDO E 2 .  ? -5.005  0.311   8.716   1.00 73.54  ? 304 EDO A O1  1 
HETATM 568 C C2  . EDO E 2 .  ? -3.358  -0.609  7.160   1.00 77.97  ? 304 EDO A C2  1 
HETATM 569 O O2  . EDO E 2 .  ? -4.036  -1.860  7.011   1.00 69.60  ? 304 EDO A O2  1 
HETATM 570 C C1  . EDO F 2 .  ? 10.200  8.344   6.114   1.00 82.26  ? 305 EDO A C1  1 
HETATM 571 O O1  . EDO F 2 .  ? 11.044  8.118   7.225   1.00 85.43  ? 305 EDO A O1  1 
HETATM 572 C C2  . EDO F 2 .  ? 8.828   8.728   6.591   1.00 78.79  ? 305 EDO A C2  1 
HETATM 573 O O2  . EDO F 2 .  ? 8.972   9.759   7.545   1.00 83.18  ? 305 EDO A O2  1 
HETATM 574 C C1  . EDO G 2 .  ? -15.069 6.087   -12.189 1.00 84.41  ? 306 EDO A C1  1 
HETATM 575 O O1  . EDO G 2 .  ? -14.056 6.449   -11.276 1.00 85.34  ? 306 EDO A O1  1 
HETATM 576 C C2  . EDO G 2 .  ? -16.109 5.219   -11.518 1.00 80.62  ? 306 EDO A C2  1 
HETATM 577 O O2  . EDO G 2 .  ? -17.305 5.942   -11.336 1.00 79.97  ? 306 EDO A O2  1 
HETATM 578 O O   . HOH H 3 .  ? 0.311   7.900   0.371   1.00 72.03  ? 401 HOH A O   1 
# 
